data_1FN9
#
_entry.id   1FN9
#
_cell.length_a   77.898
_cell.length_b   82.564
_cell.length_c   132.264
_cell.angle_alpha   90.00
_cell.angle_beta   90.00
_cell.angle_gamma   90.00
#
_symmetry.space_group_name_H-M   'P 21 21 21'
#
loop_
_entity.id
_entity.type
_entity.pdbx_description
1 polymer 'OUTER-CAPSID PROTEIN SIGMA 3'
2 non-polymer 'ZINC ION'
3 water water
#
_entity_poly.entity_id   1
_entity_poly.type   'polypeptide(L)'
_entity_poly.pdbx_seq_one_letter_code
;MEVCLPNGHQVVDLINNAFEGRVSIYSAQEGWDKTISAQPDMMVCGGAVVCMHCLGVVGSLQRKLKHLPHHRCNQQIRHQ
DYVDVQFADRVTAHWKRGMLSFVAQMHEMMNDVSPDDLDRVRTEGGSLVELNWLQVDPNSMFRSIHSSWTDPLQVVDDLD
TKLDQYWTALNLMIDSSDLIPNFMMRDPSHAFNGVKLGGDARQTQFSRTFDSRSSLEWGVMVYDYSELEHDPSKGRAYRK
ELVTPARDFGHFGLSHYSRATTPILGKMPAVFSGMLTGNCKMYPFIKGTAKLKTVRKLVEAVNHAWGVEKIRYALGPGGM
TGWYNRTMQQAPIVLTPAALTMFPDTIKFGDLNYPVMIGDPMILG
;
_entity_poly.pdbx_strand_id   A,B
#
# COMPACT_ATOMS: atom_id res chain seq x y z
N MET A 1 -5.09 30.43 -6.76
CA MET A 1 -6.11 29.34 -6.84
C MET A 1 -6.63 28.95 -5.46
N GLU A 2 -7.90 28.51 -5.41
CA GLU A 2 -8.47 28.08 -4.14
C GLU A 2 -7.87 26.70 -3.81
N VAL A 3 -7.73 26.38 -2.53
CA VAL A 3 -7.20 25.06 -2.16
C VAL A 3 -8.11 24.38 -1.15
N CYS A 4 -8.04 23.05 -1.13
CA CYS A 4 -8.82 22.23 -0.22
C CYS A 4 -7.85 21.43 0.64
N LEU A 5 -8.38 20.92 1.75
CA LEU A 5 -7.56 20.11 2.65
C LEU A 5 -7.29 18.76 2.00
N PRO A 6 -6.25 18.07 2.47
CA PRO A 6 -5.93 16.73 1.94
C PRO A 6 -7.03 15.77 2.49
N ASN A 7 -7.19 14.59 1.90
CA ASN A 7 -8.16 13.61 2.40
C ASN A 7 -7.50 12.72 3.47
N GLY A 8 -8.31 11.97 4.21
CA GLY A 8 -7.75 11.17 5.31
C GLY A 8 -6.74 10.11 4.92
N HIS A 9 -6.92 9.52 3.74
CA HIS A 9 -5.98 8.49 3.28
C HIS A 9 -4.62 9.13 3.03
N GLN A 10 -4.63 10.37 2.58
CA GLN A 10 -3.37 11.08 2.33
C GLN A 10 -2.65 11.38 3.64
N VAL A 11 -3.39 11.68 4.70
CA VAL A 11 -2.76 11.93 5.99
C VAL A 11 -2.19 10.62 6.56
N VAL A 12 -2.92 9.52 6.37
CA VAL A 12 -2.40 8.23 6.81
C VAL A 12 -1.08 7.93 6.06
N ASP A 13 -1.06 8.22 4.77
CA ASP A 13 0.16 7.98 3.99
C ASP A 13 1.33 8.82 4.53
N LEU A 14 1.03 10.06 4.88
CA LEU A 14 2.04 10.96 5.41
C LEU A 14 2.63 10.37 6.70
N ILE A 15 1.76 9.90 7.60
CA ILE A 15 2.21 9.33 8.85
C ILE A 15 3.03 8.07 8.61
N ASN A 16 2.55 7.18 7.75
CA ASN A 16 3.31 5.96 7.50
C ASN A 16 4.67 6.31 6.89
N ASN A 17 4.72 7.31 6.02
CA ASN A 17 6.00 7.69 5.43
C ASN A 17 6.94 8.27 6.50
N ALA A 18 6.41 9.09 7.41
CA ALA A 18 7.25 9.67 8.47
C ALA A 18 7.91 8.57 9.31
N PHE A 19 7.18 7.49 9.57
CA PHE A 19 7.78 6.43 10.37
C PHE A 19 8.68 5.47 9.61
N GLU A 20 9.00 5.84 8.36
CA GLU A 20 10.00 5.15 7.54
C GLU A 20 11.06 6.19 7.16
N GLY A 21 10.92 7.40 7.71
CA GLY A 21 11.87 8.49 7.42
C GLY A 21 11.87 8.92 5.97
N ARG A 22 10.75 8.70 5.30
CA ARG A 22 10.66 8.99 3.87
C ARG A 22 9.69 10.07 3.39
N VAL A 23 9.32 11.00 4.26
CA VAL A 23 8.43 12.07 3.82
C VAL A 23 9.23 12.98 2.88
N SER A 24 8.65 13.34 1.73
CA SER A 24 9.33 14.28 0.82
C SER A 24 8.91 15.65 1.31
N ILE A 25 9.91 16.46 1.68
CA ILE A 25 9.71 17.81 2.21
C ILE A 25 10.35 18.82 1.31
N TYR A 26 9.63 19.91 1.03
CA TYR A 26 10.16 21.00 0.22
C TYR A 26 10.31 22.25 1.12
N SER A 27 11.45 22.93 1.00
CA SER A 27 11.64 24.18 1.73
C SER A 27 12.26 25.15 0.72
N ALA A 28 11.98 26.45 0.89
CA ALA A 28 12.55 27.41 -0.04
C ALA A 28 14.07 27.30 -0.01
N GLN A 29 14.65 27.16 1.18
CA GLN A 29 16.09 27.10 1.33
C GLN A 29 16.79 25.89 0.71
N GLU A 30 16.20 24.72 0.87
CA GLU A 30 16.85 23.50 0.38
C GLU A 30 16.18 22.74 -0.73
N GLY A 31 15.06 23.25 -1.24
CA GLY A 31 14.37 22.54 -2.29
C GLY A 31 13.76 21.27 -1.69
N TRP A 32 13.79 20.18 -2.45
CA TRP A 32 13.25 18.90 -2.01
C TRP A 32 14.24 18.00 -1.27
N ASP A 33 15.44 18.53 -1.01
CA ASP A 33 16.50 17.78 -0.34
C ASP A 33 16.45 18.10 1.14
N LYS A 34 16.11 17.11 1.96
CA LYS A 34 16.02 17.39 3.37
C LYS A 34 17.30 17.05 4.13
N THR A 35 18.39 16.85 3.40
CA THR A 35 19.67 16.55 4.06
C THR A 35 19.92 17.63 5.12
N ILE A 36 19.73 18.88 4.74
CA ILE A 36 19.89 20.00 5.68
C ILE A 36 18.48 20.41 6.16
N SER A 37 18.30 20.46 7.47
CA SER A 37 17.00 20.78 8.05
C SER A 37 16.58 22.21 7.77
N ALA A 38 15.30 22.38 7.45
CA ALA A 38 14.75 23.71 7.20
C ALA A 38 13.25 23.60 7.51
N GLN A 39 12.58 24.73 7.75
CA GLN A 39 11.15 24.66 8.03
C GLN A 39 10.43 24.18 6.79
N PRO A 40 9.57 23.15 6.94
CA PRO A 40 8.89 22.70 5.72
C PRO A 40 7.92 23.71 5.14
N ASP A 41 7.94 23.87 3.82
CA ASP A 41 6.98 24.73 3.15
C ASP A 41 5.90 23.82 2.55
N MET A 42 6.32 22.64 2.09
CA MET A 42 5.36 21.65 1.55
C MET A 42 5.78 20.23 1.98
N MET A 43 4.79 19.34 2.04
CA MET A 43 5.05 17.93 2.32
C MET A 43 4.21 17.10 1.35
N VAL A 44 4.74 15.99 0.88
CA VAL A 44 3.96 15.10 0.01
C VAL A 44 3.14 14.20 0.95
N CYS A 45 1.82 14.16 0.73
CA CYS A 45 0.90 13.37 1.55
C CYS A 45 0.21 12.48 0.53
N GLY A 46 0.66 11.24 0.42
CA GLY A 46 0.08 10.37 -0.61
C GLY A 46 0.44 10.93 -1.98
N GLY A 47 -0.58 11.11 -2.83
CA GLY A 47 -0.33 11.63 -4.15
C GLY A 47 -0.42 13.14 -4.21
N ALA A 48 -0.76 13.77 -3.10
CA ALA A 48 -0.89 15.24 -3.07
C ALA A 48 0.34 15.92 -2.51
N VAL A 49 0.51 17.19 -2.90
CA VAL A 49 1.58 18.03 -2.36
C VAL A 49 0.77 19.07 -1.58
N VAL A 50 1.14 19.24 -0.32
CA VAL A 50 0.41 20.11 0.60
C VAL A 50 1.23 21.25 1.15
N CYS A 51 0.64 22.45 1.12
CA CYS A 51 1.27 23.67 1.67
C CYS A 51 1.16 23.54 3.20
N MET A 52 2.28 23.65 3.91
CA MET A 52 2.24 23.51 5.34
C MET A 52 1.85 24.77 6.10
N HIS A 53 1.58 25.87 5.37
CA HIS A 53 1.14 27.10 6.00
C HIS A 53 -0.38 27.17 6.10
N CYS A 54 -1.09 26.37 5.30
CA CYS A 54 -2.55 26.33 5.37
C CYS A 54 -3.09 24.90 5.36
N LEU A 55 -2.22 23.93 5.11
CA LEU A 55 -2.54 22.50 4.95
C LEU A 55 -3.48 22.29 3.73
N GLY A 56 -3.29 23.11 2.71
CA GLY A 56 -4.10 22.97 1.50
C GLY A 56 -3.34 22.21 0.41
N VAL A 57 -4.06 21.46 -0.43
CA VAL A 57 -3.40 20.71 -1.50
C VAL A 57 -3.06 21.69 -2.62
N VAL A 58 -1.78 21.84 -2.93
CA VAL A 58 -1.35 22.76 -3.99
C VAL A 58 -0.89 22.10 -5.27
N GLY A 59 -0.88 20.78 -5.28
CA GLY A 59 -0.47 20.07 -6.49
C GLY A 59 -0.44 18.57 -6.27
N SER A 60 0.13 17.85 -7.22
CA SER A 60 0.23 16.40 -7.11
C SER A 60 1.67 15.98 -7.35
N LEU A 61 1.97 14.76 -6.95
CA LEU A 61 3.27 14.18 -7.15
C LEU A 61 3.59 14.17 -8.63
N GLN A 62 2.62 13.75 -9.44
CA GLN A 62 2.87 13.65 -10.87
C GLN A 62 3.20 14.96 -11.56
N ARG A 63 2.76 16.09 -11.01
CA ARG A 63 3.05 17.40 -11.60
C ARG A 63 4.49 17.87 -11.38
N LYS A 64 5.21 17.19 -10.52
CA LYS A 64 6.60 17.51 -10.21
C LYS A 64 6.81 18.98 -9.90
N LEU A 65 6.15 19.45 -8.85
CA LEU A 65 6.29 20.84 -8.45
C LEU A 65 7.72 21.16 -8.09
N LYS A 66 8.16 22.33 -8.52
CA LYS A 66 9.51 22.80 -8.26
C LYS A 66 9.57 23.86 -7.16
N HIS A 67 8.42 24.44 -6.80
CA HIS A 67 8.36 25.44 -5.75
C HIS A 67 6.93 25.50 -5.19
N LEU A 68 6.73 26.32 -4.17
CA LEU A 68 5.40 26.50 -3.59
C LEU A 68 4.55 27.29 -4.59
N PRO A 69 3.46 26.71 -5.09
CA PRO A 69 2.63 27.43 -6.07
C PRO A 69 1.84 28.57 -5.44
N HIS A 70 1.55 29.60 -6.24
CA HIS A 70 0.74 30.73 -5.78
C HIS A 70 -0.68 30.22 -5.50
N HIS A 71 -1.18 30.48 -4.31
CA HIS A 71 -2.53 30.05 -3.95
C HIS A 71 -3.11 30.92 -2.85
N ARG A 72 -4.42 30.81 -2.61
CA ARG A 72 -5.08 31.58 -1.56
C ARG A 72 -4.81 30.79 -0.29
N CYS A 73 -3.81 31.25 0.47
CA CYS A 73 -3.36 30.58 1.69
C CYS A 73 -3.85 31.24 2.97
N ASN A 74 -4.52 30.49 3.85
CA ASN A 74 -5.02 31.10 5.08
C ASN A 74 -3.89 31.46 6.04
N GLN A 75 -2.71 30.87 5.82
CA GLN A 75 -1.52 31.15 6.62
C GLN A 75 -1.70 30.93 8.11
N GLN A 76 -2.66 30.09 8.50
CA GLN A 76 -2.93 29.87 9.91
C GLN A 76 -2.34 28.63 10.52
N ILE A 77 -1.74 27.75 9.71
CA ILE A 77 -1.13 26.55 10.27
C ILE A 77 0.30 26.94 10.63
N ARG A 78 0.65 26.75 11.90
CA ARG A 78 1.97 27.13 12.39
C ARG A 78 2.94 25.97 12.41
N HIS A 79 4.22 26.29 12.46
CA HIS A 79 5.21 25.23 12.50
C HIS A 79 4.93 24.26 13.66
N GLN A 80 4.57 24.78 14.82
CA GLN A 80 4.29 23.90 15.96
C GLN A 80 3.13 22.95 15.76
N ASP A 81 2.24 23.29 14.82
CA ASP A 81 1.08 22.45 14.55
C ASP A 81 1.41 21.17 13.80
N TYR A 82 2.58 21.10 13.17
CA TYR A 82 2.92 19.87 12.45
C TYR A 82 4.35 19.42 12.72
N VAL A 83 5.07 20.12 13.58
CA VAL A 83 6.46 19.71 13.83
C VAL A 83 6.57 18.27 14.36
N ASP A 84 5.52 17.77 15.01
CA ASP A 84 5.61 16.39 15.50
C ASP A 84 5.80 15.39 14.35
N VAL A 85 5.25 15.70 13.19
CA VAL A 85 5.38 14.82 12.02
C VAL A 85 6.80 15.00 11.47
N GLN A 86 7.23 16.25 11.36
CA GLN A 86 8.58 16.51 10.87
C GLN A 86 9.62 15.84 11.77
N PHE A 87 9.38 15.89 13.08
CA PHE A 87 10.28 15.29 14.06
C PHE A 87 10.30 13.77 13.88
N ALA A 88 9.13 13.13 13.85
CA ALA A 88 9.12 11.68 13.69
C ALA A 88 9.83 11.25 12.40
N ASP A 89 9.59 11.99 11.32
CA ASP A 89 10.21 11.66 10.05
C ASP A 89 11.74 11.83 10.11
N ARG A 90 12.21 12.95 10.62
CA ARG A 90 13.65 13.18 10.62
C ARG A 90 14.40 12.27 11.59
N VAL A 91 13.80 12.00 12.74
CA VAL A 91 14.45 11.12 13.70
C VAL A 91 14.47 9.70 13.13
N THR A 92 13.39 9.27 12.49
CA THR A 92 13.40 7.95 11.91
C THR A 92 14.47 7.89 10.82
N ALA A 93 14.63 8.98 10.07
CA ALA A 93 15.65 9.00 9.02
C ALA A 93 17.03 8.86 9.64
N HIS A 94 17.31 9.60 10.71
CA HIS A 94 18.63 9.45 11.37
C HIS A 94 18.80 8.02 11.91
N TRP A 95 17.73 7.53 12.51
CA TRP A 95 17.75 6.20 13.12
C TRP A 95 18.03 5.08 12.09
N LYS A 96 17.43 5.17 10.90
CA LYS A 96 17.66 4.13 9.88
C LYS A 96 19.11 4.15 9.40
N ARG A 97 19.68 5.34 9.28
CA ARG A 97 21.08 5.49 8.86
C ARG A 97 21.98 4.91 9.95
N GLY A 98 21.65 5.19 11.21
CA GLY A 98 22.46 4.63 12.30
C GLY A 98 22.37 3.11 12.35
N MET A 99 21.16 2.58 12.18
CA MET A 99 20.98 1.13 12.19
C MET A 99 21.75 0.53 11.01
N LEU A 100 21.73 1.19 9.85
CA LEU A 100 22.49 0.64 8.73
C LEU A 100 23.98 0.56 9.09
N SER A 101 24.53 1.65 9.66
CA SER A 101 25.96 1.63 9.97
C SER A 101 26.30 0.51 10.96
N PHE A 102 25.40 0.25 11.92
CA PHE A 102 25.59 -0.84 12.89
C PHE A 102 25.54 -2.22 12.21
N VAL A 103 24.54 -2.46 11.37
CA VAL A 103 24.46 -3.76 10.72
C VAL A 103 25.68 -3.98 9.80
N ALA A 104 26.12 -2.91 9.14
CA ALA A 104 27.28 -3.02 8.25
C ALA A 104 28.53 -3.34 9.05
N GLN A 105 28.68 -2.73 10.21
CA GLN A 105 29.84 -2.99 11.08
C GLN A 105 29.87 -4.46 11.48
N MET A 106 28.72 -5.01 11.85
CA MET A 106 28.69 -6.42 12.27
C MET A 106 29.00 -7.33 11.08
N HIS A 107 28.43 -6.99 9.93
CA HIS A 107 28.67 -7.78 8.71
C HIS A 107 30.16 -7.72 8.36
N GLU A 108 30.74 -6.53 8.45
CA GLU A 108 32.16 -6.35 8.14
C GLU A 108 33.05 -7.19 9.07
N MET A 109 32.75 -7.18 10.35
CA MET A 109 33.56 -7.94 11.31
C MET A 109 33.38 -9.44 11.04
N MET A 110 32.17 -9.85 10.71
CA MET A 110 31.95 -11.26 10.43
C MET A 110 32.72 -11.69 9.19
N ASN A 111 32.81 -10.82 8.20
CA ASN A 111 33.55 -11.18 7.01
C ASN A 111 35.06 -11.19 7.22
N ASP A 112 35.53 -10.56 8.28
CA ASP A 112 36.97 -10.53 8.52
C ASP A 112 37.42 -11.68 9.41
N VAL A 113 36.48 -12.51 9.85
CA VAL A 113 36.82 -13.65 10.70
C VAL A 113 37.56 -14.69 9.88
N SER A 114 38.73 -15.11 10.35
CA SER A 114 39.50 -16.12 9.61
C SER A 114 38.78 -17.45 9.59
N PRO A 115 38.99 -18.23 8.53
CA PRO A 115 38.35 -19.54 8.43
C PRO A 115 38.64 -20.39 9.67
N ASP A 116 39.87 -20.33 10.17
CA ASP A 116 40.24 -21.11 11.35
C ASP A 116 39.46 -20.65 12.59
N ASP A 117 39.32 -19.34 12.76
CA ASP A 117 38.60 -18.86 13.93
C ASP A 117 37.14 -19.28 13.85
N LEU A 118 36.55 -19.21 12.66
CA LEU A 118 35.15 -19.63 12.52
C LEU A 118 35.03 -21.13 12.83
N ASP A 119 35.92 -21.94 12.26
CA ASP A 119 35.86 -23.38 12.52
C ASP A 119 36.00 -23.68 14.02
N ARG A 120 36.94 -23.01 14.68
CA ARG A 120 37.15 -23.23 16.12
C ARG A 120 35.90 -22.92 16.92
N VAL A 121 35.30 -21.75 16.67
CA VAL A 121 34.10 -21.37 17.41
C VAL A 121 32.95 -22.29 17.10
N ARG A 122 32.83 -22.74 15.86
CA ARG A 122 31.76 -23.67 15.53
C ARG A 122 31.92 -24.98 16.28
N THR A 123 33.18 -25.41 16.43
CA THR A 123 33.48 -26.67 17.10
C THR A 123 33.50 -26.60 18.63
N GLU A 124 34.14 -25.58 19.17
CA GLU A 124 34.26 -25.45 20.63
C GLU A 124 33.39 -24.38 21.28
N GLY A 125 32.91 -23.43 20.48
CA GLY A 125 32.12 -22.34 21.03
C GLY A 125 33.08 -21.22 21.37
N GLY A 126 32.53 -20.05 21.70
CA GLY A 126 33.36 -18.91 22.06
C GLY A 126 32.95 -17.64 21.35
N SER A 127 33.47 -16.50 21.79
CA SER A 127 33.14 -15.23 21.16
C SER A 127 33.72 -15.17 19.76
N LEU A 128 32.94 -14.67 18.80
CA LEU A 128 33.41 -14.58 17.43
C LEU A 128 33.72 -13.14 17.04
N VAL A 129 32.76 -12.24 17.23
CA VAL A 129 32.96 -10.82 16.95
C VAL A 129 32.33 -10.03 18.08
N GLU A 130 33.00 -8.96 18.48
CA GLU A 130 32.49 -8.11 19.57
C GLU A 130 32.72 -6.68 19.10
N LEU A 131 31.65 -5.89 19.02
CA LEU A 131 31.75 -4.50 18.57
C LEU A 131 31.72 -3.57 19.77
N ASN A 132 32.77 -2.77 19.96
CA ASN A 132 32.81 -1.80 21.08
C ASN A 132 31.56 -0.91 20.91
N TRP A 133 30.62 -0.96 21.85
CA TRP A 133 29.40 -0.17 21.66
C TRP A 133 29.60 1.33 21.46
N LEU A 134 30.72 1.86 21.96
CA LEU A 134 31.01 3.29 21.80
C LEU A 134 31.30 3.65 20.35
N GLN A 135 31.45 2.64 19.51
CA GLN A 135 31.73 2.85 18.09
C GLN A 135 30.48 2.76 17.21
N VAL A 136 29.32 2.58 17.83
CA VAL A 136 28.07 2.51 17.09
C VAL A 136 27.49 3.92 16.89
N ASP A 137 27.40 4.40 15.65
CA ASP A 137 26.82 5.71 15.33
C ASP A 137 27.17 6.74 16.39
N PRO A 138 28.47 6.87 16.71
CA PRO A 138 28.91 7.81 17.74
C PRO A 138 28.64 9.30 17.64
N ASN A 139 28.47 9.83 16.44
CA ASN A 139 28.26 11.26 16.35
C ASN A 139 26.82 11.65 16.10
N SER A 140 25.91 10.70 16.28
CA SER A 140 24.48 10.94 16.03
C SER A 140 23.72 11.53 17.20
N MET A 141 22.46 11.89 16.93
CA MET A 141 21.60 12.43 17.97
C MET A 141 21.30 11.33 19.00
N PHE A 142 21.66 10.09 18.71
CA PHE A 142 21.37 9.02 19.65
C PHE A 142 22.53 8.72 20.58
N ARG A 143 23.67 9.35 20.34
CA ARG A 143 24.87 9.03 21.10
C ARG A 143 25.71 10.18 21.59
N SER A 144 25.47 11.36 21.05
CA SER A 144 26.26 12.52 21.44
C SER A 144 25.42 13.64 22.02
N ILE A 145 25.89 14.17 23.13
CA ILE A 145 25.19 15.25 23.81
C ILE A 145 25.20 16.49 22.92
N HIS A 146 26.14 16.57 22.01
CA HIS A 146 26.27 17.73 21.14
C HIS A 146 25.50 17.65 19.83
N SER A 147 24.83 16.52 19.60
CA SER A 147 24.06 16.35 18.38
C SER A 147 22.59 16.59 18.63
N SER A 148 21.86 16.85 17.56
CA SER A 148 20.44 17.16 17.66
C SER A 148 19.73 16.58 16.45
N TRP A 149 18.43 16.34 16.57
CA TRP A 149 17.69 15.80 15.45
C TRP A 149 17.75 16.76 14.25
N THR A 150 17.97 18.04 14.51
CA THR A 150 18.03 19.00 13.42
C THR A 150 19.35 18.99 12.68
N ASP A 151 20.30 18.16 13.11
CA ASP A 151 21.60 18.07 12.42
C ASP A 151 21.38 17.44 11.04
N PRO A 152 22.34 17.63 10.14
CA PRO A 152 22.21 17.05 8.80
C PRO A 152 22.05 15.54 8.80
N LEU A 153 21.32 15.06 7.80
CA LEU A 153 21.13 13.61 7.63
C LEU A 153 22.32 13.12 6.84
N GLN A 154 22.94 12.06 7.31
CA GLN A 154 24.05 11.46 6.58
C GLN A 154 23.55 11.12 5.18
N VAL A 155 24.35 11.44 4.16
CA VAL A 155 23.93 11.15 2.81
C VAL A 155 24.16 9.68 2.52
N VAL A 156 23.06 8.94 2.34
CA VAL A 156 23.13 7.51 2.05
C VAL A 156 22.19 7.21 0.90
N ASP A 157 22.73 6.84 -0.25
CA ASP A 157 21.85 6.52 -1.36
C ASP A 157 21.45 5.05 -1.23
N ASP A 158 20.28 4.72 -1.75
CA ASP A 158 19.78 3.34 -1.72
C ASP A 158 19.81 2.77 -0.30
N LEU A 159 19.32 3.57 0.64
CA LEU A 159 19.31 3.17 2.05
C LEU A 159 18.60 1.84 2.28
N ASP A 160 17.37 1.69 1.79
CA ASP A 160 16.66 0.43 2.03
C ASP A 160 17.31 -0.77 1.36
N THR A 161 17.90 -0.57 0.17
CA THR A 161 18.56 -1.67 -0.50
C THR A 161 19.75 -2.14 0.32
N LYS A 162 20.49 -1.19 0.89
CA LYS A 162 21.65 -1.57 1.68
C LYS A 162 21.21 -2.27 2.97
N LEU A 163 20.16 -1.76 3.60
CA LEU A 163 19.67 -2.42 4.81
C LEU A 163 19.31 -3.86 4.48
N ASP A 164 18.62 -4.06 3.36
CA ASP A 164 18.24 -5.42 2.97
C ASP A 164 19.48 -6.29 2.73
N GLN A 165 20.41 -5.79 1.92
CA GLN A 165 21.62 -6.55 1.61
C GLN A 165 22.44 -6.94 2.83
N TYR A 166 22.70 -5.99 3.72
CA TYR A 166 23.51 -6.28 4.91
C TYR A 166 22.79 -7.15 5.92
N TRP A 167 21.52 -6.89 6.16
CA TRP A 167 20.82 -7.72 7.13
C TRP A 167 20.73 -9.14 6.59
N THR A 168 20.44 -9.28 5.31
CA THR A 168 20.35 -10.60 4.70
C THR A 168 21.69 -11.34 4.80
N ALA A 169 22.75 -10.66 4.44
CA ALA A 169 24.08 -11.27 4.47
C ALA A 169 24.46 -11.72 5.90
N LEU A 170 24.21 -10.83 6.86
CA LEU A 170 24.57 -11.14 8.24
C LEU A 170 23.77 -12.31 8.77
N ASN A 171 22.48 -12.35 8.48
CA ASN A 171 21.70 -13.45 9.01
C ASN A 171 22.00 -14.79 8.34
N LEU A 172 22.38 -14.77 7.07
CA LEU A 172 22.74 -16.02 6.39
C LEU A 172 24.00 -16.57 7.06
N MET A 173 24.93 -15.69 7.41
CA MET A 173 26.13 -16.13 8.09
C MET A 173 25.81 -16.70 9.47
N ILE A 174 24.94 -16.01 10.20
CA ILE A 174 24.55 -16.50 11.52
C ILE A 174 23.84 -17.85 11.38
N ASP A 175 22.93 -17.94 10.42
CA ASP A 175 22.15 -19.16 10.23
C ASP A 175 23.01 -20.34 9.80
N SER A 176 23.91 -20.12 8.86
CA SER A 176 24.71 -21.24 8.36
C SER A 176 25.66 -21.86 9.36
N SER A 177 26.11 -21.09 10.34
CA SER A 177 27.02 -21.64 11.35
C SER A 177 26.39 -21.79 12.74
N ASP A 178 25.06 -21.70 12.79
CA ASP A 178 24.32 -21.80 14.06
C ASP A 178 24.91 -20.89 15.13
N LEU A 179 25.16 -19.65 14.77
CA LEU A 179 25.73 -18.69 15.69
C LEU A 179 24.70 -17.99 16.58
N ILE A 180 25.20 -17.28 17.57
CA ILE A 180 24.35 -16.61 18.55
C ILE A 180 24.60 -15.10 18.64
N PRO A 181 23.63 -14.27 18.22
CA PRO A 181 23.82 -12.82 18.30
C PRO A 181 23.19 -12.38 19.63
N ASN A 182 23.67 -11.31 20.26
CA ASN A 182 23.05 -10.87 21.52
C ASN A 182 22.21 -9.62 21.26
N PHE A 183 21.93 -9.34 19.98
CA PHE A 183 21.19 -8.14 19.63
C PHE A 183 19.89 -8.40 18.91
N MET A 184 19.32 -9.60 19.12
CA MET A 184 18.05 -9.95 18.48
C MET A 184 16.95 -10.23 19.51
N MET A 185 15.71 -9.97 19.12
CA MET A 185 14.57 -10.21 20.00
C MET A 185 13.49 -10.94 19.22
N ARG A 186 12.87 -11.92 19.88
CA ARG A 186 11.79 -12.72 19.30
C ARG A 186 10.49 -11.93 19.30
N ASP A 187 10.33 -11.01 20.26
CA ASP A 187 9.16 -10.11 20.33
C ASP A 187 9.67 -8.86 21.02
N PRO A 188 9.90 -7.78 20.26
CA PRO A 188 10.41 -6.54 20.83
C PRO A 188 9.55 -5.88 21.88
N SER A 189 8.28 -6.28 21.99
CA SER A 189 7.43 -5.76 23.04
C SER A 189 8.13 -6.03 24.39
N HIS A 190 8.88 -7.13 24.45
CA HIS A 190 9.60 -7.49 25.68
C HIS A 190 10.65 -6.46 26.10
N ALA A 191 11.15 -5.65 25.16
CA ALA A 191 12.12 -4.62 25.53
C ALA A 191 11.46 -3.62 26.48
N PHE A 192 10.20 -3.31 26.23
CA PHE A 192 9.48 -2.33 27.02
C PHE A 192 8.81 -2.91 28.25
N ASN A 193 8.43 -4.17 28.15
CA ASN A 193 7.75 -4.84 29.25
C ASN A 193 8.03 -6.33 29.17
N GLY A 194 8.95 -6.78 30.02
CA GLY A 194 9.29 -8.19 30.03
C GLY A 194 10.72 -8.51 30.42
N VAL A 195 11.70 -7.97 29.70
CA VAL A 195 13.08 -8.27 30.01
C VAL A 195 13.52 -7.61 31.31
N LYS A 196 14.50 -8.24 31.95
CA LYS A 196 15.07 -7.67 33.15
C LYS A 196 16.18 -6.76 32.65
N LEU A 197 16.29 -5.56 33.23
CA LEU A 197 17.34 -4.65 32.84
C LEU A 197 18.47 -4.84 33.85
N GLY A 198 19.70 -4.90 33.37
CA GLY A 198 20.80 -5.10 34.28
C GLY A 198 21.75 -3.93 34.37
N GLY A 199 22.35 -3.75 35.54
CA GLY A 199 23.30 -2.67 35.68
C GLY A 199 22.76 -1.30 35.36
N ASP A 200 23.59 -0.47 34.73
CA ASP A 200 23.16 0.88 34.41
C ASP A 200 21.95 0.91 33.49
N ALA A 201 21.66 -0.19 32.79
CA ALA A 201 20.49 -0.16 31.90
C ALA A 201 19.21 0.01 32.71
N ARG A 202 19.26 -0.22 34.03
CA ARG A 202 18.09 -0.05 34.87
C ARG A 202 17.60 1.40 34.84
N GLN A 203 18.45 2.31 34.37
CA GLN A 203 18.10 3.73 34.28
C GLN A 203 17.18 4.04 33.10
N THR A 204 17.08 3.11 32.16
CA THR A 204 16.30 3.32 30.93
C THR A 204 14.81 3.59 31.12
N GLN A 205 14.31 4.59 30.43
CA GLN A 205 12.89 4.93 30.44
C GLN A 205 12.50 4.90 28.96
N PHE A 206 11.61 3.99 28.59
CA PHE A 206 11.22 3.85 27.17
C PHE A 206 9.97 4.64 26.84
N SER A 207 10.05 5.53 25.87
CA SER A 207 8.86 6.28 25.50
C SER A 207 8.05 5.47 24.49
N ARG A 208 8.69 4.48 23.89
CA ARG A 208 8.11 3.60 22.85
C ARG A 208 7.79 4.37 21.55
N THR A 209 8.40 5.55 21.40
CA THR A 209 8.15 6.31 20.20
C THR A 209 9.28 7.29 19.90
N PHE A 210 9.08 8.12 18.86
CA PHE A 210 10.03 9.17 18.53
C PHE A 210 9.26 10.49 18.63
N ASP A 211 9.35 11.16 19.76
CA ASP A 211 8.70 12.47 19.87
C ASP A 211 9.61 13.40 20.67
N SER A 212 9.34 14.70 20.58
CA SER A 212 10.22 15.69 21.20
C SER A 212 10.32 15.64 22.70
N ARG A 213 9.33 15.04 23.36
CA ARG A 213 9.36 14.94 24.80
C ARG A 213 10.31 13.84 25.21
N SER A 214 10.60 12.94 24.26
CA SER A 214 11.51 11.81 24.48
C SER A 214 12.95 12.33 24.60
N SER A 215 13.78 11.60 25.33
CA SER A 215 15.20 11.92 25.43
C SER A 215 15.71 10.71 24.66
N LEU A 216 16.23 10.92 23.46
CA LEU A 216 16.65 9.81 22.62
C LEU A 216 18.14 9.52 22.60
N GLU A 217 18.93 10.30 23.33
CA GLU A 217 20.36 10.01 23.39
C GLU A 217 20.44 8.94 24.50
N TRP A 218 21.06 7.81 24.22
CA TRP A 218 21.12 6.75 25.22
C TRP A 218 22.22 5.76 24.85
N GLY A 219 22.43 4.79 25.73
CA GLY A 219 23.43 3.77 25.47
C GLY A 219 22.86 2.76 24.48
N VAL A 220 23.73 1.88 23.99
CA VAL A 220 23.38 0.82 23.04
C VAL A 220 22.97 -0.36 23.94
N MET A 221 21.74 -0.85 23.77
CA MET A 221 21.22 -1.95 24.59
C MET A 221 21.23 -3.29 23.85
N VAL A 222 21.75 -4.30 24.53
CA VAL A 222 21.87 -5.65 23.96
C VAL A 222 21.70 -6.64 25.11
N TYR A 223 21.56 -7.92 24.81
CA TYR A 223 21.46 -8.88 25.89
C TYR A 223 22.82 -9.09 26.55
N ASP A 224 22.80 -9.32 27.85
CA ASP A 224 24.03 -9.64 28.56
C ASP A 224 24.10 -11.18 28.55
N TYR A 225 24.84 -11.74 27.61
CA TYR A 225 24.97 -13.19 27.50
C TYR A 225 26.24 -13.68 28.21
N SER A 226 26.81 -12.86 29.09
CA SER A 226 28.02 -13.27 29.78
C SER A 226 27.82 -14.57 30.54
N GLU A 227 26.68 -14.74 31.21
CA GLU A 227 26.52 -15.98 31.96
C GLU A 227 26.49 -17.20 31.02
N LEU A 228 25.80 -17.05 29.89
CA LEU A 228 25.74 -18.14 28.92
C LEU A 228 27.13 -18.43 28.36
N GLU A 229 27.88 -17.37 28.05
CA GLU A 229 29.22 -17.50 27.51
C GLU A 229 30.17 -18.25 28.45
N HIS A 230 30.08 -17.96 29.75
CA HIS A 230 31.00 -18.56 30.69
C HIS A 230 30.53 -19.76 31.50
N ASP A 231 29.35 -20.28 31.18
CA ASP A 231 28.86 -21.44 31.90
C ASP A 231 29.17 -22.68 31.10
N PRO A 232 30.11 -23.52 31.57
CA PRO A 232 30.41 -24.73 30.79
C PRO A 232 29.25 -25.70 30.57
N SER A 233 28.20 -25.62 31.39
CA SER A 233 27.07 -26.52 31.20
C SER A 233 26.11 -25.99 30.12
N LYS A 234 26.44 -24.82 29.57
CA LYS A 234 25.63 -24.23 28.51
C LYS A 234 26.57 -23.93 27.37
N GLY A 235 27.32 -24.96 26.98
CA GLY A 235 28.32 -24.86 25.94
C GLY A 235 27.82 -24.92 24.52
N ARG A 236 28.76 -25.15 23.62
CA ARG A 236 28.44 -25.16 22.20
C ARG A 236 27.23 -25.98 21.79
N ALA A 237 27.18 -27.25 22.20
CA ALA A 237 26.05 -28.10 21.82
C ALA A 237 24.73 -27.54 22.33
N TYR A 238 24.73 -27.06 23.57
CA TYR A 238 23.53 -26.47 24.17
C TYR A 238 23.07 -25.25 23.35
N ARG A 239 24.01 -24.39 22.98
CA ARG A 239 23.70 -23.17 22.22
C ARG A 239 23.14 -23.49 20.84
N LYS A 240 23.74 -24.47 20.16
CA LYS A 240 23.26 -24.86 18.83
C LYS A 240 21.85 -25.41 18.88
N GLU A 241 21.58 -26.19 19.92
CA GLU A 241 20.29 -26.84 20.07
C GLU A 241 19.14 -25.90 20.42
N LEU A 242 19.43 -24.90 21.24
CA LEU A 242 18.40 -24.01 21.72
C LEU A 242 18.47 -22.51 21.43
N VAL A 243 19.67 -21.95 21.51
CA VAL A 243 19.85 -20.50 21.42
C VAL A 243 20.02 -19.85 20.05
N THR A 244 20.61 -20.54 19.08
CA THR A 244 20.79 -19.92 17.77
C THR A 244 19.40 -19.52 17.27
N PRO A 245 19.28 -18.36 16.60
CA PRO A 245 18.00 -17.85 16.09
C PRO A 245 17.04 -18.79 15.38
N ALA A 246 17.55 -19.65 14.53
CA ALA A 246 16.66 -20.54 13.77
C ALA A 246 15.73 -21.38 14.60
N ARG A 247 16.12 -21.71 15.84
CA ARG A 247 15.26 -22.54 16.67
C ARG A 247 13.93 -21.86 17.01
N ASP A 248 13.95 -20.54 17.18
CA ASP A 248 12.74 -19.78 17.49
C ASP A 248 12.12 -19.11 16.24
N PHE A 249 12.97 -18.62 15.35
CA PHE A 249 12.51 -17.88 14.16
C PHE A 249 12.36 -18.69 12.88
N GLY A 250 12.82 -19.94 12.90
CA GLY A 250 12.82 -20.77 11.69
C GLY A 250 14.12 -20.44 10.97
N HIS A 251 14.59 -21.30 10.09
CA HIS A 251 15.80 -20.97 9.34
C HIS A 251 15.59 -19.68 8.53
N PHE A 252 16.55 -18.76 8.58
CA PHE A 252 16.41 -17.46 7.94
C PHE A 252 15.99 -17.50 6.49
N GLY A 253 16.60 -18.40 5.74
CA GLY A 253 16.27 -18.52 4.33
C GLY A 253 14.96 -19.20 4.02
N LEU A 254 14.27 -19.70 5.05
CA LEU A 254 13.01 -20.40 4.81
C LEU A 254 11.98 -19.97 5.84
N SER A 255 11.88 -18.67 6.08
CA SER A 255 10.94 -18.18 7.06
C SER A 255 10.37 -16.82 6.71
N HIS A 256 9.09 -16.64 6.99
CA HIS A 256 8.41 -15.35 6.80
C HIS A 256 8.51 -14.52 8.09
N TYR A 257 8.95 -15.15 9.18
CA TYR A 257 8.96 -14.42 10.45
C TYR A 257 9.94 -13.27 10.49
N SER A 258 9.51 -12.19 11.14
CA SER A 258 10.35 -11.01 11.32
C SER A 258 11.36 -11.30 12.45
N ARG A 259 12.52 -10.65 12.37
CA ARG A 259 13.51 -10.74 13.46
C ARG A 259 13.69 -9.31 13.91
N ALA A 260 13.58 -9.06 15.23
CA ALA A 260 13.78 -7.72 15.74
C ALA A 260 15.13 -7.62 16.42
N THR A 261 15.60 -6.38 16.61
CA THR A 261 16.84 -6.18 17.34
C THR A 261 16.48 -5.69 18.74
N THR A 262 17.47 -5.69 19.62
CA THR A 262 17.30 -5.12 20.95
C THR A 262 17.35 -3.58 20.65
N PRO A 263 17.21 -2.72 21.68
CA PRO A 263 17.24 -1.25 21.48
C PRO A 263 18.66 -0.72 21.26
N ILE A 264 19.18 -0.92 20.06
CA ILE A 264 20.54 -0.46 19.71
C ILE A 264 20.64 1.06 19.71
N LEU A 265 19.65 1.72 19.10
CA LEU A 265 19.65 3.19 19.01
C LEU A 265 18.29 3.79 19.35
N GLY A 266 18.33 4.92 20.07
CA GLY A 266 17.12 5.64 20.43
C GLY A 266 16.12 4.88 21.28
N LYS A 267 16.60 3.88 22.04
CA LYS A 267 15.76 3.05 22.90
C LYS A 267 14.65 2.43 22.06
N MET A 268 14.95 2.19 20.80
CA MET A 268 13.94 1.70 19.86
C MET A 268 14.33 0.48 19.04
N PRO A 269 13.77 -0.69 19.37
CA PRO A 269 14.10 -1.90 18.62
C PRO A 269 13.74 -1.71 17.14
N ALA A 270 14.52 -2.34 16.26
CA ALA A 270 14.22 -2.32 14.84
C ALA A 270 13.55 -3.66 14.52
N VAL A 271 12.69 -3.67 13.52
CA VAL A 271 12.01 -4.90 13.13
C VAL A 271 12.36 -5.11 11.66
N PHE A 272 12.92 -6.27 11.33
CA PHE A 272 13.24 -6.60 9.94
C PHE A 272 12.26 -7.65 9.44
N SER A 273 11.69 -7.47 8.25
CA SER A 273 10.78 -8.48 7.71
C SER A 273 11.58 -9.73 7.34
N GLY A 274 10.88 -10.87 7.26
CA GLY A 274 11.54 -12.12 6.94
C GLY A 274 11.93 -12.28 5.48
N MET A 275 12.93 -13.11 5.23
CA MET A 275 13.38 -13.26 3.86
C MET A 275 12.33 -13.73 2.87
N LEU A 276 11.43 -14.63 3.29
CA LEU A 276 10.41 -15.10 2.35
C LEU A 276 9.36 -14.04 1.98
N THR A 277 9.33 -12.93 2.71
CA THR A 277 8.37 -11.86 2.38
C THR A 277 8.86 -11.22 1.08
N GLY A 278 10.11 -11.50 0.74
CA GLY A 278 10.70 -10.99 -0.49
C GLY A 278 11.75 -9.91 -0.34
N ASN A 279 11.80 -9.29 0.83
CA ASN A 279 12.75 -8.20 1.12
C ASN A 279 12.93 -8.20 2.62
N CYS A 280 14.05 -7.66 3.09
CA CYS A 280 14.21 -7.50 4.52
C CYS A 280 14.13 -5.98 4.76
N LYS A 281 12.91 -5.48 4.95
CA LYS A 281 12.66 -4.06 5.22
C LYS A 281 12.74 -3.83 6.73
N MET A 282 13.21 -2.65 7.12
CA MET A 282 13.40 -2.33 8.54
C MET A 282 12.49 -1.21 9.01
N TYR A 283 11.83 -1.45 10.14
CA TYR A 283 10.89 -0.50 10.71
C TYR A 283 11.09 -0.34 12.22
N PRO A 284 10.78 0.85 12.75
CA PRO A 284 10.91 1.06 14.19
C PRO A 284 9.70 0.37 14.82
N PHE A 285 9.89 -0.23 16.00
CA PHE A 285 8.80 -0.90 16.70
C PHE A 285 7.94 0.10 17.47
N ILE A 286 7.05 0.79 16.75
CA ILE A 286 6.20 1.82 17.30
C ILE A 286 4.77 1.47 16.92
N LYS A 287 3.86 1.55 17.90
CA LYS A 287 2.46 1.20 17.68
C LYS A 287 1.76 2.20 16.78
N GLY A 288 0.79 1.70 16.01
CA GLY A 288 0.07 2.59 15.11
C GLY A 288 -0.58 3.74 15.88
N THR A 289 -1.15 3.45 17.05
CA THR A 289 -1.79 4.51 17.81
C THR A 289 -0.79 5.58 18.22
N ALA A 290 0.46 5.20 18.49
CA ALA A 290 1.45 6.20 18.86
C ALA A 290 1.79 7.04 17.63
N LYS A 291 1.85 6.42 16.46
CA LYS A 291 2.14 7.17 15.24
C LYS A 291 1.07 8.22 14.95
N LEU A 292 -0.19 7.82 15.14
CA LEU A 292 -1.29 8.74 14.86
C LEU A 292 -1.23 9.99 15.73
N LYS A 293 -0.70 9.87 16.93
CA LYS A 293 -0.64 11.03 17.78
C LYS A 293 0.20 12.18 17.25
N THR A 294 1.05 11.90 16.26
CA THR A 294 1.87 12.95 15.68
C THR A 294 1.03 14.03 14.98
N VAL A 295 -0.24 13.74 14.65
CA VAL A 295 -1.07 14.76 14.00
C VAL A 295 -2.16 15.31 14.91
N ARG A 296 -2.12 14.97 16.20
CA ARG A 296 -3.16 15.44 17.13
C ARG A 296 -3.21 16.97 17.16
N LYS A 297 -2.05 17.60 17.22
CA LYS A 297 -2.04 19.08 17.25
C LYS A 297 -2.51 19.65 15.92
N LEU A 298 -2.16 18.97 14.82
CA LEU A 298 -2.56 19.44 13.49
C LEU A 298 -4.07 19.39 13.33
N VAL A 299 -4.71 18.34 13.82
CA VAL A 299 -6.16 18.26 13.72
C VAL A 299 -6.80 19.45 14.43
N GLU A 300 -6.30 19.74 15.62
CA GLU A 300 -6.83 20.86 16.40
C GLU A 300 -6.67 22.17 15.63
N ALA A 301 -5.52 22.34 15.00
CA ALA A 301 -5.24 23.56 14.23
C ALA A 301 -6.19 23.66 13.04
N VAL A 302 -6.41 22.54 12.36
CA VAL A 302 -7.32 22.55 11.22
C VAL A 302 -8.73 22.90 11.66
N ASN A 303 -9.15 22.35 12.78
CA ASN A 303 -10.49 22.63 13.29
C ASN A 303 -10.74 24.12 13.56
N HIS A 304 -9.68 24.89 13.79
CA HIS A 304 -9.88 26.31 14.03
C HIS A 304 -9.57 27.18 12.82
N ALA A 305 -8.77 26.65 11.89
CA ALA A 305 -8.38 27.41 10.71
C ALA A 305 -9.30 27.24 9.51
N TRP A 306 -9.97 26.08 9.46
CA TRP A 306 -10.87 25.76 8.36
C TRP A 306 -12.34 25.66 8.76
N GLY A 307 -13.24 26.05 7.86
CA GLY A 307 -14.65 25.94 8.17
C GLY A 307 -15.11 24.49 8.22
N VAL A 308 -16.12 24.22 9.03
CA VAL A 308 -16.62 22.86 9.16
C VAL A 308 -17.01 22.22 7.82
N GLU A 309 -17.68 22.99 6.96
CA GLU A 309 -18.07 22.39 5.67
C GLU A 309 -16.88 22.06 4.77
N LYS A 310 -15.81 22.88 4.82
CA LYS A 310 -14.65 22.56 3.99
C LYS A 310 -13.94 21.31 4.53
N ILE A 311 -13.93 21.17 5.86
CA ILE A 311 -13.31 20.00 6.47
C ILE A 311 -14.09 18.74 6.10
N ARG A 312 -15.42 18.81 6.12
CA ARG A 312 -16.24 17.66 5.78
C ARG A 312 -16.05 17.27 4.30
N TYR A 313 -15.92 18.28 3.45
CA TYR A 313 -15.72 18.07 2.02
C TYR A 313 -14.49 17.21 1.73
N ALA A 314 -13.41 17.47 2.46
CA ALA A 314 -12.17 16.73 2.25
C ALA A 314 -12.02 15.47 3.07
N LEU A 315 -12.38 15.57 4.35
CA LEU A 315 -12.20 14.43 5.26
C LEU A 315 -13.37 13.49 5.40
N GLY A 316 -14.55 13.91 4.94
CA GLY A 316 -15.71 13.05 5.03
C GLY A 316 -16.58 13.36 6.22
N PRO A 317 -17.74 12.69 6.34
CA PRO A 317 -18.61 12.96 7.49
C PRO A 317 -17.82 12.73 8.78
N GLY A 318 -18.03 13.59 9.77
CA GLY A 318 -17.29 13.48 11.02
C GLY A 318 -16.10 14.42 10.97
N GLY A 319 -15.73 14.85 9.77
CA GLY A 319 -14.61 15.78 9.64
C GLY A 319 -13.27 15.16 10.03
N MET A 320 -12.29 16.01 10.35
CA MET A 320 -10.97 15.48 10.70
C MET A 320 -10.95 14.85 12.11
N THR A 321 -11.78 15.36 13.02
CA THR A 321 -11.85 14.75 14.36
C THR A 321 -12.39 13.33 14.20
N GLY A 322 -13.44 13.19 13.38
CA GLY A 322 -14.03 11.88 13.12
C GLY A 322 -12.99 10.96 12.46
N TRP A 323 -12.25 11.52 11.52
CA TRP A 323 -11.22 10.73 10.83
C TRP A 323 -10.15 10.26 11.82
N TYR A 324 -9.73 11.16 12.69
CA TYR A 324 -8.71 10.84 13.68
C TYR A 324 -9.19 9.70 14.60
N ASN A 325 -10.40 9.85 15.13
CA ASN A 325 -10.92 8.83 16.03
C ASN A 325 -11.08 7.47 15.35
N ARG A 326 -11.55 7.47 14.10
CA ARG A 326 -11.74 6.22 13.36
C ARG A 326 -10.39 5.60 13.05
N THR A 327 -9.42 6.44 12.65
CA THR A 327 -8.09 5.92 12.33
C THR A 327 -7.41 5.32 13.58
N MET A 328 -7.69 5.90 14.74
CA MET A 328 -7.12 5.37 15.98
C MET A 328 -7.57 3.90 16.13
N GLN A 329 -8.84 3.63 15.82
CA GLN A 329 -9.36 2.28 15.91
C GLN A 329 -8.86 1.34 14.81
N GLN A 330 -8.54 1.92 13.65
CA GLN A 330 -8.04 1.18 12.50
C GLN A 330 -6.52 1.10 12.48
N ALA A 331 -5.87 1.74 13.44
CA ALA A 331 -4.41 1.79 13.44
C ALA A 331 -3.69 0.44 13.35
N PRO A 332 -4.22 -0.61 13.99
CA PRO A 332 -3.54 -1.91 13.92
C PRO A 332 -3.43 -2.42 12.48
N ILE A 333 -4.30 -1.91 11.62
CA ILE A 333 -4.30 -2.31 10.22
C ILE A 333 -3.69 -1.23 9.32
N VAL A 334 -4.16 0.00 9.45
CA VAL A 334 -3.67 1.02 8.52
C VAL A 334 -2.41 1.79 8.85
N LEU A 335 -1.92 1.69 10.09
CA LEU A 335 -0.71 2.40 10.50
C LEU A 335 0.30 1.42 11.06
N THR A 336 0.17 0.15 10.65
CA THR A 336 1.06 -0.89 11.16
C THR A 336 1.62 -1.77 10.06
N PRO A 337 2.94 -1.71 9.82
CA PRO A 337 3.56 -2.53 8.78
C PRO A 337 3.29 -4.00 9.09
N ALA A 338 3.07 -4.80 8.05
CA ALA A 338 2.82 -6.22 8.27
C ALA A 338 3.94 -6.86 9.13
N ALA A 339 5.16 -6.39 8.95
CA ALA A 339 6.29 -6.97 9.68
C ALA A 339 6.14 -6.93 11.19
N LEU A 340 5.42 -5.94 11.70
CA LEU A 340 5.26 -5.80 13.15
C LEU A 340 4.28 -6.78 13.76
N THR A 341 3.62 -7.55 12.91
CA THR A 341 2.69 -8.56 13.43
C THR A 341 3.06 -9.95 12.93
N MET A 342 4.33 -10.13 12.56
CA MET A 342 4.81 -11.42 12.07
C MET A 342 5.96 -12.01 12.86
N PHE A 343 5.90 -11.85 14.18
CA PHE A 343 6.94 -12.46 15.02
C PHE A 343 6.54 -13.90 15.30
N PRO A 344 7.51 -14.77 15.62
CA PRO A 344 7.15 -16.16 15.89
C PRO A 344 6.26 -16.30 17.12
N ASP A 345 5.37 -17.29 17.08
CA ASP A 345 4.49 -17.52 18.20
C ASP A 345 4.88 -18.79 18.98
N THR A 346 5.57 -19.72 18.32
CA THR A 346 6.01 -20.96 18.98
C THR A 346 7.48 -20.74 19.35
N ILE A 347 7.72 -20.47 20.62
CA ILE A 347 9.06 -20.17 21.11
C ILE A 347 9.66 -21.27 21.98
N LYS A 348 10.95 -21.55 21.77
CA LYS A 348 11.65 -22.55 22.57
C LYS A 348 12.63 -21.88 23.54
N PHE A 349 13.30 -20.83 23.07
CA PHE A 349 14.25 -20.10 23.93
C PHE A 349 13.60 -18.78 24.36
N GLY A 350 13.37 -17.89 23.42
CA GLY A 350 12.71 -16.64 23.78
C GLY A 350 13.60 -15.51 24.28
N ASP A 351 12.94 -14.46 24.76
CA ASP A 351 13.60 -13.22 25.19
C ASP A 351 13.81 -13.00 26.66
N LEU A 352 13.33 -13.93 27.49
CA LEU A 352 13.38 -13.70 28.92
C LEU A 352 14.36 -14.52 29.75
N ASN A 353 15.41 -15.05 29.13
CA ASN A 353 16.38 -15.85 29.87
C ASN A 353 17.62 -15.13 30.37
N TYR A 354 17.89 -13.97 29.79
CA TYR A 354 19.04 -13.16 30.14
C TYR A 354 18.62 -11.71 30.21
N PRO A 355 19.31 -10.90 31.03
CA PRO A 355 18.95 -9.49 31.15
C PRO A 355 19.48 -8.68 29.98
N VAL A 356 18.91 -7.49 29.79
CA VAL A 356 19.35 -6.56 28.74
C VAL A 356 20.21 -5.50 29.44
N MET A 357 21.38 -5.22 28.87
CA MET A 357 22.31 -4.26 29.46
C MET A 357 22.70 -3.25 28.41
N ILE A 358 23.48 -2.25 28.81
CA ILE A 358 24.04 -1.32 27.84
C ILE A 358 25.44 -1.96 27.67
N GLY A 359 25.76 -2.35 26.44
CA GLY A 359 27.03 -3.00 26.22
C GLY A 359 27.28 -3.35 24.77
N ASP A 360 28.33 -4.14 24.57
CA ASP A 360 28.74 -4.49 23.22
C ASP A 360 27.93 -5.52 22.46
N PRO A 361 27.54 -5.19 21.22
CA PRO A 361 26.79 -6.12 20.36
C PRO A 361 27.85 -7.20 20.05
N MET A 362 27.46 -8.48 20.07
CA MET A 362 28.44 -9.52 19.78
C MET A 362 27.79 -10.74 19.17
N ILE A 363 28.61 -11.57 18.54
CA ILE A 363 28.14 -12.83 17.96
C ILE A 363 29.12 -13.88 18.48
N LEU A 364 28.57 -14.94 19.04
CA LEU A 364 29.41 -16.01 19.55
C LEU A 364 28.87 -17.35 19.05
N GLY A 365 29.64 -18.41 19.28
CA GLY A 365 29.18 -19.73 18.90
C GLY A 365 28.96 -20.45 20.23
N MET B 1 14.78 -28.60 -3.71
CA MET B 1 14.66 -27.90 -2.40
C MET B 1 13.24 -27.92 -1.86
N GLU B 2 13.11 -27.91 -0.54
CA GLU B 2 11.79 -27.87 0.07
C GLU B 2 11.34 -26.41 0.02
N VAL B 3 10.05 -26.17 -0.19
CA VAL B 3 9.52 -24.82 -0.26
C VAL B 3 8.40 -24.60 0.75
N CYS B 4 8.12 -23.33 1.06
CA CYS B 4 7.08 -22.94 2.02
C CYS B 4 5.94 -22.20 1.33
N LEU B 5 4.80 -22.15 1.98
CA LEU B 5 3.64 -21.44 1.46
C LEU B 5 3.86 -19.92 1.55
N PRO B 6 3.12 -19.13 0.76
CA PRO B 6 3.28 -17.66 0.85
C PRO B 6 2.53 -17.23 2.13
N ASN B 7 2.71 -15.99 2.57
CA ASN B 7 1.98 -15.51 3.75
C ASN B 7 0.68 -14.83 3.35
N GLY B 8 -0.18 -14.54 4.32
CA GLY B 8 -1.48 -13.94 4.01
C GLY B 8 -1.44 -12.58 3.31
N HIS B 9 -0.46 -11.76 3.68
CA HIS B 9 -0.32 -10.43 3.07
C HIS B 9 0.01 -10.60 1.57
N GLN B 10 0.77 -11.63 1.25
CA GLN B 10 1.12 -11.88 -0.14
C GLN B 10 -0.08 -12.33 -0.95
N VAL B 11 -1.01 -13.07 -0.32
CA VAL B 11 -2.19 -13.51 -1.04
C VAL B 11 -3.13 -12.28 -1.21
N VAL B 12 -3.20 -11.42 -0.20
CA VAL B 12 -4.02 -10.22 -0.35
C VAL B 12 -3.46 -9.39 -1.51
N ASP B 13 -2.13 -9.31 -1.62
CA ASP B 13 -1.57 -8.51 -2.72
C ASP B 13 -1.93 -9.14 -4.07
N LEU B 14 -1.90 -10.47 -4.11
CA LEU B 14 -2.25 -11.15 -5.36
C LEU B 14 -3.68 -10.80 -5.75
N ILE B 15 -4.60 -10.87 -4.80
CA ILE B 15 -5.99 -10.57 -5.08
C ILE B 15 -6.17 -9.12 -5.52
N ASN B 16 -5.55 -8.19 -4.79
CA ASN B 16 -5.70 -6.79 -5.17
C ASN B 16 -5.12 -6.55 -6.58
N ASN B 17 -4.01 -7.22 -6.90
CA ASN B 17 -3.43 -7.03 -8.24
C ASN B 17 -4.36 -7.59 -9.32
N ALA B 18 -5.00 -8.71 -9.03
CA ALA B 18 -5.90 -9.34 -10.02
C ALA B 18 -7.03 -8.39 -10.35
N PHE B 19 -7.52 -7.64 -9.36
CA PHE B 19 -8.62 -6.72 -9.63
C PHE B 19 -8.20 -5.37 -10.20
N GLU B 20 -6.92 -5.31 -10.59
CA GLU B 20 -6.37 -4.17 -11.31
C GLU B 20 -5.79 -4.74 -12.62
N GLY B 21 -5.97 -6.05 -12.83
CA GLY B 21 -5.44 -6.71 -14.03
C GLY B 21 -3.94 -6.65 -14.14
N ARG B 22 -3.24 -6.57 -13.00
CA ARG B 22 -1.78 -6.45 -13.03
C ARG B 22 -1.00 -7.60 -12.37
N VAL B 23 -1.59 -8.78 -12.29
CA VAL B 23 -0.85 -9.91 -11.72
C VAL B 23 0.28 -10.24 -12.71
N SER B 24 1.48 -10.47 -12.20
CA SER B 24 2.59 -10.87 -13.09
C SER B 24 2.52 -12.39 -13.13
N ILE B 25 2.30 -12.92 -14.33
CA ILE B 25 2.16 -14.36 -14.54
C ILE B 25 3.27 -14.89 -15.43
N TYR B 26 3.83 -16.01 -15.03
CA TYR B 26 4.86 -16.65 -15.84
C TYR B 26 4.31 -17.98 -16.36
N SER B 27 4.51 -18.25 -17.65
CA SER B 27 4.11 -19.53 -18.23
C SER B 27 5.35 -19.98 -19.02
N ALA B 28 5.55 -21.29 -19.14
CA ALA B 28 6.72 -21.79 -19.87
C ALA B 28 6.65 -21.29 -21.31
N GLN B 29 5.46 -21.31 -21.86
CA GLN B 29 5.23 -20.89 -23.24
C GLN B 29 5.50 -19.42 -23.53
N GLU B 30 5.01 -18.55 -22.66
CA GLU B 30 5.11 -17.12 -22.91
C GLU B 30 6.03 -16.32 -22.02
N GLY B 31 6.68 -16.96 -21.06
CA GLY B 31 7.54 -16.19 -20.19
C GLY B 31 6.65 -15.35 -19.31
N TRP B 32 7.10 -14.15 -18.96
CA TRP B 32 6.35 -13.23 -18.13
C TRP B 32 5.37 -12.33 -18.89
N ASP B 33 5.24 -12.53 -20.20
CA ASP B 33 4.33 -11.73 -21.01
C ASP B 33 2.98 -12.42 -21.09
N LYS B 34 1.95 -11.85 -20.47
CA LYS B 34 0.65 -12.52 -20.51
C LYS B 34 -0.25 -12.03 -21.65
N THR B 35 0.34 -11.36 -22.63
CA THR B 35 -0.45 -10.89 -23.79
C THR B 35 -1.20 -12.10 -24.35
N ILE B 36 -0.49 -13.20 -24.53
CA ILE B 36 -1.11 -14.44 -25.01
C ILE B 36 -1.40 -15.31 -23.80
N SER B 37 -2.62 -15.80 -23.71
CA SER B 37 -3.05 -16.63 -22.60
C SER B 37 -2.34 -17.98 -22.59
N ALA B 38 -1.98 -18.45 -21.40
CA ALA B 38 -1.35 -19.74 -21.19
C ALA B 38 -1.54 -20.10 -19.71
N GLN B 39 -1.52 -21.40 -19.38
CA GLN B 39 -1.69 -21.79 -17.99
C GLN B 39 -0.54 -21.25 -17.15
N PRO B 40 -0.86 -20.55 -16.04
CA PRO B 40 0.21 -20.01 -15.20
C PRO B 40 1.08 -21.07 -14.53
N ASP B 41 2.39 -20.89 -14.60
CA ASP B 41 3.30 -21.78 -13.90
C ASP B 41 3.74 -21.07 -12.61
N MET B 42 3.85 -19.74 -12.66
CA MET B 42 4.22 -18.95 -11.46
C MET B 42 3.41 -17.66 -11.46
N MET B 43 3.17 -17.11 -10.27
CA MET B 43 2.49 -15.83 -10.13
C MET B 43 3.22 -15.06 -9.06
N VAL B 44 3.35 -13.75 -9.24
CA VAL B 44 3.99 -12.94 -8.21
C VAL B 44 2.91 -12.61 -7.17
N CYS B 45 3.20 -12.89 -5.89
CA CYS B 45 2.27 -12.63 -4.78
C CYS B 45 3.03 -11.72 -3.83
N GLY B 46 2.78 -10.42 -3.93
CA GLY B 46 3.50 -9.47 -3.11
C GLY B 46 4.98 -9.54 -3.52
N GLY B 47 5.87 -9.74 -2.55
CA GLY B 47 7.28 -9.83 -2.87
C GLY B 47 7.77 -11.22 -3.21
N ALA B 48 6.88 -12.20 -3.22
CA ALA B 48 7.31 -13.56 -3.53
C ALA B 48 6.90 -14.02 -4.92
N VAL B 49 7.65 -15.00 -5.46
CA VAL B 49 7.27 -15.63 -6.72
C VAL B 49 6.82 -17.02 -6.25
N VAL B 50 5.61 -17.40 -6.63
CA VAL B 50 5.00 -18.65 -6.20
C VAL B 50 4.72 -19.63 -7.34
N CYS B 51 5.07 -20.88 -7.10
CA CYS B 51 4.83 -21.96 -8.07
C CYS B 51 3.34 -22.28 -7.99
N MET B 52 2.64 -22.27 -9.13
CA MET B 52 1.22 -22.55 -9.07
C MET B 52 0.82 -24.02 -9.06
N HIS B 53 1.82 -24.90 -9.09
CA HIS B 53 1.56 -26.34 -9.04
C HIS B 53 1.60 -26.87 -7.60
N CYS B 54 2.21 -26.11 -6.69
CA CYS B 54 2.23 -26.49 -5.27
C CYS B 54 1.92 -25.34 -4.32
N LEU B 55 1.89 -24.11 -4.85
CA LEU B 55 1.70 -22.84 -4.10
C LEU B 55 2.88 -22.61 -3.16
N GLY B 56 4.06 -23.05 -3.57
CA GLY B 56 5.26 -22.86 -2.76
C GLY B 56 6.03 -21.65 -3.25
N VAL B 57 6.65 -20.93 -2.32
CA VAL B 57 7.44 -19.75 -2.71
C VAL B 57 8.75 -20.24 -3.31
N VAL B 58 8.99 -19.91 -4.59
CA VAL B 58 10.22 -20.35 -5.25
C VAL B 58 11.24 -19.25 -5.50
N GLY B 59 10.90 -18.03 -5.07
CA GLY B 59 11.83 -16.93 -5.24
C GLY B 59 11.23 -15.61 -4.80
N SER B 60 11.99 -14.53 -5.01
CA SER B 60 11.52 -13.20 -4.66
C SER B 60 11.43 -12.37 -5.92
N LEU B 61 10.64 -11.31 -5.82
CA LEU B 61 10.45 -10.41 -6.93
C LEU B 61 11.78 -9.74 -7.22
N GLN B 62 12.53 -9.41 -6.19
CA GLN B 62 13.81 -8.72 -6.43
C GLN B 62 14.85 -9.56 -7.14
N ARG B 63 14.69 -10.88 -7.17
CA ARG B 63 15.67 -11.74 -7.84
C ARG B 63 15.54 -11.89 -9.36
N LYS B 64 14.44 -11.41 -9.91
CA LYS B 64 14.25 -11.45 -11.35
C LYS B 64 14.34 -12.83 -12.00
N LEU B 65 13.52 -13.77 -11.54
CA LEU B 65 13.53 -15.13 -12.11
C LEU B 65 13.10 -15.14 -13.56
N LYS B 66 13.72 -16.01 -14.35
CA LYS B 66 13.37 -16.16 -15.77
C LYS B 66 12.94 -17.58 -16.10
N HIS B 67 12.95 -18.46 -15.09
CA HIS B 67 12.52 -19.86 -15.26
C HIS B 67 11.89 -20.30 -13.93
N LEU B 68 11.18 -21.43 -13.93
CA LEU B 68 10.58 -21.98 -12.70
C LEU B 68 11.72 -22.76 -12.03
N PRO B 69 12.16 -22.30 -10.85
CA PRO B 69 13.26 -22.97 -10.15
C PRO B 69 12.94 -24.43 -9.83
N HIS B 70 13.96 -25.29 -9.88
CA HIS B 70 13.74 -26.69 -9.53
C HIS B 70 13.45 -26.72 -8.02
N HIS B 71 12.47 -27.52 -7.62
CA HIS B 71 12.11 -27.66 -6.21
C HIS B 71 11.32 -28.95 -6.04
N ARG B 72 11.11 -29.38 -4.80
CA ARG B 72 10.32 -30.59 -4.56
C ARG B 72 8.89 -30.08 -4.56
N CYS B 73 8.25 -30.26 -5.70
CA CYS B 73 6.88 -29.78 -5.93
C CYS B 73 5.83 -30.86 -5.67
N ASN B 74 4.91 -30.59 -4.73
CA ASN B 74 3.90 -31.62 -4.44
C ASN B 74 2.90 -31.83 -5.60
N GLN B 75 2.89 -30.90 -6.57
CA GLN B 75 1.99 -30.96 -7.73
C GLN B 75 0.51 -31.21 -7.39
N GLN B 76 0.07 -30.77 -6.22
CA GLN B 76 -1.31 -30.98 -5.81
C GLN B 76 -2.26 -29.85 -6.19
N ILE B 77 -1.71 -28.68 -6.51
CA ILE B 77 -2.56 -27.55 -6.85
C ILE B 77 -2.86 -27.66 -8.34
N ARG B 78 -4.14 -27.81 -8.66
CA ARG B 78 -4.63 -27.95 -10.03
C ARG B 78 -5.03 -26.62 -10.62
N HIS B 79 -5.05 -26.53 -11.95
CA HIS B 79 -5.42 -25.29 -12.61
C HIS B 79 -6.76 -24.79 -12.09
N GLN B 80 -7.72 -25.70 -11.92
CA GLN B 80 -9.05 -25.31 -11.47
C GLN B 80 -9.05 -24.69 -10.08
N ASP B 81 -8.00 -24.96 -9.30
CA ASP B 81 -7.91 -24.44 -7.93
C ASP B 81 -7.51 -22.97 -7.85
N TYR B 82 -7.00 -22.39 -8.93
CA TYR B 82 -6.65 -20.98 -8.90
C TYR B 82 -7.11 -20.21 -10.15
N VAL B 83 -7.78 -20.90 -11.07
CA VAL B 83 -8.22 -20.23 -12.28
C VAL B 83 -9.13 -19.03 -12.00
N ASP B 84 -9.86 -19.03 -10.88
CA ASP B 84 -10.72 -17.89 -10.55
C ASP B 84 -9.90 -16.60 -10.42
N VAL B 85 -8.66 -16.72 -9.95
CA VAL B 85 -7.78 -15.56 -9.82
C VAL B 85 -7.28 -15.15 -11.24
N GLN B 86 -6.82 -16.13 -12.01
CA GLN B 86 -6.35 -15.88 -13.37
C GLN B 86 -7.46 -15.23 -14.19
N PHE B 87 -8.69 -15.69 -13.96
CA PHE B 87 -9.85 -15.17 -14.70
C PHE B 87 -10.11 -13.71 -14.31
N ALA B 88 -10.24 -13.44 -13.01
CA ALA B 88 -10.47 -12.07 -12.55
C ALA B 88 -9.40 -11.13 -13.11
N ASP B 89 -8.14 -11.58 -13.06
CA ASP B 89 -7.04 -10.75 -13.54
C ASP B 89 -7.14 -10.45 -15.03
N ARG B 90 -7.29 -11.50 -15.83
CA ARG B 90 -7.33 -11.32 -17.28
C ARG B 90 -8.56 -10.54 -17.72
N VAL B 91 -9.70 -10.79 -17.09
CA VAL B 91 -10.92 -10.06 -17.45
C VAL B 91 -10.76 -8.58 -17.05
N THR B 92 -10.19 -8.33 -15.88
CA THR B 92 -9.99 -6.94 -15.51
C THR B 92 -9.02 -6.27 -16.50
N ALA B 93 -7.98 -6.99 -16.94
CA ALA B 93 -7.02 -6.43 -17.90
C ALA B 93 -7.75 -6.07 -19.19
N HIS B 94 -8.60 -6.97 -19.68
CA HIS B 94 -9.37 -6.67 -20.92
C HIS B 94 -10.29 -5.46 -20.68
N TRP B 95 -10.97 -5.48 -19.53
CA TRP B 95 -11.91 -4.42 -19.17
C TRP B 95 -11.24 -3.04 -19.09
N LYS B 96 -10.07 -2.96 -18.48
CA LYS B 96 -9.35 -1.68 -18.40
C LYS B 96 -8.99 -1.14 -19.79
N ARG B 97 -8.59 -2.05 -20.69
CA ARG B 97 -8.24 -1.63 -22.05
C ARG B 97 -9.49 -1.15 -22.79
N GLY B 98 -10.61 -1.85 -22.60
CA GLY B 98 -11.86 -1.43 -23.22
C GLY B 98 -12.28 -0.07 -22.69
N MET B 99 -12.18 0.11 -21.37
CA MET B 99 -12.55 1.39 -20.76
C MET B 99 -11.64 2.49 -21.29
N LEU B 100 -10.37 2.20 -21.52
CA LEU B 100 -9.48 3.23 -22.04
C LEU B 100 -9.94 3.64 -23.45
N SER B 101 -10.25 2.66 -24.29
CA SER B 101 -10.65 2.99 -25.67
C SER B 101 -11.90 3.85 -25.66
N PHE B 102 -12.82 3.57 -24.74
CA PHE B 102 -14.05 4.35 -24.61
C PHE B 102 -13.77 5.79 -24.15
N VAL B 103 -12.98 5.95 -23.08
CA VAL B 103 -12.70 7.29 -22.59
C VAL B 103 -11.96 8.11 -23.65
N ALA B 104 -11.04 7.45 -24.36
CA ALA B 104 -10.28 8.10 -25.42
C ALA B 104 -11.23 8.54 -26.56
N GLN B 105 -12.19 7.69 -26.90
CA GLN B 105 -13.14 8.04 -27.97
C GLN B 105 -13.93 9.29 -27.59
N MET B 106 -14.38 9.36 -26.32
CA MET B 106 -15.15 10.51 -25.86
C MET B 106 -14.29 11.77 -25.85
N HIS B 107 -13.05 11.61 -25.39
CA HIS B 107 -12.13 12.73 -25.35
C HIS B 107 -11.87 13.25 -26.76
N GLU B 108 -11.65 12.35 -27.71
CA GLU B 108 -11.38 12.77 -29.08
C GLU B 108 -12.55 13.55 -29.67
N MET B 109 -13.77 13.05 -29.48
CA MET B 109 -14.95 13.73 -29.99
C MET B 109 -15.10 15.11 -29.37
N MET B 110 -14.87 15.20 -28.06
CA MET B 110 -14.96 16.47 -27.37
C MET B 110 -13.88 17.41 -27.88
N ASN B 111 -12.71 16.86 -28.14
CA ASN B 111 -11.62 17.67 -28.63
C ASN B 111 -11.88 18.22 -30.03
N ASP B 112 -12.74 17.54 -30.78
CA ASP B 112 -13.06 17.94 -32.14
C ASP B 112 -14.26 18.88 -32.25
N VAL B 113 -14.89 19.19 -31.12
CA VAL B 113 -16.04 20.08 -31.13
C VAL B 113 -15.58 21.48 -31.55
N SER B 114 -16.25 22.04 -32.55
CA SER B 114 -15.88 23.38 -33.02
C SER B 114 -16.26 24.39 -31.95
N PRO B 115 -15.50 25.49 -31.85
CA PRO B 115 -15.77 26.53 -30.86
C PRO B 115 -17.21 27.05 -30.96
N ASP B 116 -17.69 27.25 -32.18
CA ASP B 116 -19.07 27.74 -32.35
C ASP B 116 -20.06 26.81 -31.70
N ASP B 117 -19.93 25.51 -31.96
CA ASP B 117 -20.86 24.54 -31.40
C ASP B 117 -20.77 24.48 -29.88
N LEU B 118 -19.57 24.59 -29.33
CA LEU B 118 -19.42 24.56 -27.88
C LEU B 118 -20.11 25.80 -27.34
N ASP B 119 -19.75 26.95 -27.89
CA ASP B 119 -20.34 28.21 -27.46
C ASP B 119 -21.86 28.13 -27.48
N ARG B 120 -22.42 27.53 -28.53
CA ARG B 120 -23.86 27.42 -28.65
C ARG B 120 -24.49 26.54 -27.59
N VAL B 121 -23.92 25.36 -27.39
CA VAL B 121 -24.45 24.43 -26.39
C VAL B 121 -24.35 25.03 -24.99
N ARG B 122 -23.30 25.79 -24.73
CA ARG B 122 -23.17 26.39 -23.41
C ARG B 122 -24.32 27.38 -23.18
N THR B 123 -24.68 28.08 -24.24
CA THR B 123 -25.73 29.09 -24.17
C THR B 123 -27.16 28.56 -24.20
N GLU B 124 -27.48 27.78 -25.23
CA GLU B 124 -28.84 27.25 -25.37
C GLU B 124 -29.06 25.84 -24.87
N GLY B 125 -27.99 25.13 -24.55
CA GLY B 125 -28.13 23.74 -24.13
C GLY B 125 -28.17 22.92 -25.40
N GLY B 126 -28.20 21.59 -25.30
CA GLY B 126 -28.25 20.75 -26.50
C GLY B 126 -27.18 19.68 -26.61
N SER B 127 -27.35 18.75 -27.55
CA SER B 127 -26.38 17.66 -27.72
C SER B 127 -25.07 18.16 -28.29
N LEU B 128 -23.96 17.68 -27.73
CA LEU B 128 -22.63 18.09 -28.16
C LEU B 128 -21.88 16.92 -28.82
N VAL B 129 -21.85 15.77 -28.17
CA VAL B 129 -21.20 14.60 -28.76
C VAL B 129 -22.00 13.36 -28.41
N GLU B 130 -22.09 12.45 -29.37
CA GLU B 130 -22.80 11.21 -29.17
C GLU B 130 -21.96 10.12 -29.82
N LEU B 131 -21.72 9.04 -29.07
CA LEU B 131 -20.92 7.93 -29.57
C LEU B 131 -21.80 6.71 -29.83
N ASN B 132 -21.82 6.23 -31.07
CA ASN B 132 -22.60 5.03 -31.41
C ASN B 132 -22.11 3.93 -30.48
N TRP B 133 -22.97 3.40 -29.61
CA TRP B 133 -22.49 2.39 -28.67
C TRP B 133 -21.95 1.13 -29.33
N LEU B 134 -22.40 0.85 -30.56
CA LEU B 134 -21.87 -0.32 -31.24
C LEU B 134 -20.41 -0.15 -31.59
N GLN B 135 -19.87 1.05 -31.42
CA GLN B 135 -18.47 1.31 -31.73
C GLN B 135 -17.54 1.24 -30.50
N VAL B 136 -18.11 0.94 -29.34
CA VAL B 136 -17.32 0.84 -28.10
C VAL B 136 -16.73 -0.58 -27.97
N ASP B 137 -15.40 -0.68 -27.94
CA ASP B 137 -14.68 -1.96 -27.76
C ASP B 137 -15.41 -3.13 -28.41
N PRO B 138 -15.76 -3.00 -29.70
CA PRO B 138 -16.48 -3.97 -30.54
C PRO B 138 -16.05 -5.42 -30.57
N ASN B 139 -14.75 -5.65 -30.64
CA ASN B 139 -14.19 -6.98 -30.75
C ASN B 139 -13.74 -7.62 -29.45
N SER B 140 -14.16 -7.05 -28.33
CA SER B 140 -13.78 -7.57 -27.02
C SER B 140 -14.71 -8.67 -26.55
N MET B 141 -14.28 -9.33 -25.46
CA MET B 141 -15.04 -10.38 -24.82
C MET B 141 -16.34 -9.79 -24.24
N PHE B 142 -16.45 -8.46 -24.18
CA PHE B 142 -17.65 -7.86 -23.63
C PHE B 142 -18.70 -7.52 -24.69
N ARG B 143 -18.27 -7.52 -25.94
CA ARG B 143 -19.17 -7.12 -27.00
C ARG B 143 -19.35 -8.09 -28.17
N SER B 144 -18.38 -8.96 -28.40
CA SER B 144 -18.48 -9.88 -29.53
C SER B 144 -18.75 -11.33 -29.15
N ILE B 145 -19.73 -11.94 -29.82
CA ILE B 145 -20.04 -13.34 -29.55
C ILE B 145 -18.88 -14.24 -29.98
N HIS B 146 -17.91 -13.68 -30.71
CA HIS B 146 -16.76 -14.45 -31.19
C HIS B 146 -15.49 -14.27 -30.38
N SER B 147 -15.59 -13.48 -29.31
CA SER B 147 -14.43 -13.26 -28.45
C SER B 147 -14.57 -13.99 -27.12
N SER B 148 -13.45 -14.18 -26.44
CA SER B 148 -13.43 -14.91 -25.17
C SER B 148 -12.38 -14.26 -24.27
N TRP B 149 -12.52 -14.45 -22.97
CA TRP B 149 -11.54 -13.87 -22.03
C TRP B 149 -10.12 -14.39 -22.32
N THR B 150 -10.02 -15.56 -22.94
CA THR B 150 -8.72 -16.13 -23.22
C THR B 150 -8.06 -15.54 -24.48
N ASP B 151 -8.76 -14.62 -25.14
CA ASP B 151 -8.22 -13.95 -26.33
C ASP B 151 -7.04 -13.10 -25.89
N PRO B 152 -6.16 -12.74 -26.83
CA PRO B 152 -4.99 -11.92 -26.51
C PRO B 152 -5.38 -10.57 -25.90
N LEU B 153 -4.53 -10.05 -25.03
CA LEU B 153 -4.74 -8.74 -24.45
C LEU B 153 -4.18 -7.71 -25.42
N GLN B 154 -4.98 -6.70 -25.74
CA GLN B 154 -4.50 -5.65 -26.64
C GLN B 154 -3.23 -5.08 -26.01
N VAL B 155 -2.21 -4.86 -26.82
CA VAL B 155 -0.97 -4.31 -26.29
C VAL B 155 -1.14 -2.80 -26.08
N VAL B 156 -1.09 -2.38 -24.82
CA VAL B 156 -1.21 -0.98 -24.45
C VAL B 156 -0.12 -0.64 -23.45
N ASP B 157 0.84 0.19 -23.85
CA ASP B 157 1.91 0.60 -22.96
C ASP B 157 1.36 1.76 -22.13
N ASP B 158 1.83 1.88 -20.89
CA ASP B 158 1.42 2.96 -20.01
C ASP B 158 -0.09 3.07 -19.87
N LEU B 159 -0.73 1.93 -19.66
CA LEU B 159 -2.18 1.92 -19.54
C LEU B 159 -2.75 2.86 -18.48
N ASP B 160 -2.25 2.77 -17.24
CA ASP B 160 -2.80 3.66 -16.21
C ASP B 160 -2.50 5.12 -16.47
N THR B 161 -1.33 5.41 -17.03
CA THR B 161 -1.02 6.80 -17.33
C THR B 161 -2.02 7.36 -18.34
N LYS B 162 -2.32 6.57 -19.35
CA LYS B 162 -3.29 6.99 -20.37
C LYS B 162 -4.68 7.17 -19.79
N LEU B 163 -5.10 6.22 -18.96
CA LEU B 163 -6.41 6.34 -18.33
C LEU B 163 -6.47 7.65 -17.53
N ASP B 164 -5.41 7.96 -16.81
CA ASP B 164 -5.39 9.19 -16.00
C ASP B 164 -5.43 10.43 -16.89
N GLN B 165 -4.59 10.45 -17.91
CA GLN B 165 -4.55 11.60 -18.83
C GLN B 165 -5.90 11.85 -19.52
N TYR B 166 -6.47 10.82 -20.12
CA TYR B 166 -7.75 10.99 -20.84
C TYR B 166 -8.93 11.31 -19.93
N TRP B 167 -9.08 10.60 -18.81
CA TRP B 167 -10.19 10.91 -17.92
C TRP B 167 -10.08 12.34 -17.37
N THR B 168 -8.87 12.74 -17.02
CA THR B 168 -8.64 14.08 -16.49
C THR B 168 -8.98 15.12 -17.54
N ALA B 169 -8.49 14.94 -18.77
CA ALA B 169 -8.76 15.89 -19.84
C ALA B 169 -10.26 15.98 -20.11
N LEU B 170 -10.90 14.82 -20.23
CA LEU B 170 -12.33 14.76 -20.50
C LEU B 170 -13.16 15.45 -19.43
N ASN B 171 -12.83 15.21 -18.16
CA ASN B 171 -13.60 15.84 -17.10
C ASN B 171 -13.34 17.32 -16.95
N LEU B 172 -12.13 17.77 -17.27
CA LEU B 172 -11.88 19.20 -17.17
C LEU B 172 -12.72 19.91 -18.25
N MET B 173 -12.82 19.30 -19.43
CA MET B 173 -13.64 19.90 -20.48
C MET B 173 -15.10 19.95 -20.05
N ILE B 174 -15.58 18.86 -19.47
CA ILE B 174 -16.97 18.82 -18.99
C ILE B 174 -17.20 19.88 -17.93
N ASP B 175 -16.27 19.97 -16.98
CA ASP B 175 -16.38 20.91 -15.88
C ASP B 175 -16.36 22.37 -16.31
N SER B 176 -15.45 22.73 -17.19
CA SER B 176 -15.32 24.13 -17.59
C SER B 176 -16.52 24.67 -18.36
N SER B 177 -17.28 23.80 -19.01
CA SER B 177 -18.45 24.25 -19.76
C SER B 177 -19.75 23.79 -19.13
N ASP B 178 -19.68 23.33 -17.87
CA ASP B 178 -20.88 22.86 -17.19
C ASP B 178 -21.68 21.89 -18.07
N LEU B 179 -21.00 20.94 -18.68
CA LEU B 179 -21.66 19.96 -19.55
C LEU B 179 -22.24 18.77 -18.81
N ILE B 180 -23.02 17.98 -19.53
CA ILE B 180 -23.72 16.85 -18.95
C ILE B 180 -23.43 15.52 -19.63
N PRO B 181 -22.76 14.60 -18.92
CA PRO B 181 -22.46 13.29 -19.51
C PRO B 181 -23.57 12.33 -19.07
N ASN B 182 -23.91 11.33 -19.88
CA ASN B 182 -24.96 10.38 -19.47
C ASN B 182 -24.31 9.07 -19.04
N PHE B 183 -23.00 9.09 -18.83
CA PHE B 183 -22.28 7.87 -18.47
C PHE B 183 -21.59 7.91 -17.12
N MET B 184 -22.13 8.73 -16.21
CA MET B 184 -21.54 8.88 -14.88
C MET B 184 -22.54 8.54 -13.77
N MET B 185 -22.04 7.97 -12.66
CA MET B 185 -22.91 7.65 -11.54
C MET B 185 -22.33 8.25 -10.26
N ARG B 186 -23.20 8.80 -9.41
CA ARG B 186 -22.77 9.37 -8.14
C ARG B 186 -22.48 8.27 -7.12
N ASP B 187 -23.15 7.13 -7.25
CA ASP B 187 -22.93 5.96 -6.39
C ASP B 187 -23.25 4.76 -7.28
N PRO B 188 -22.20 4.09 -7.80
CA PRO B 188 -22.45 2.96 -8.68
C PRO B 188 -23.24 1.79 -8.10
N SER B 189 -23.41 1.74 -6.78
CA SER B 189 -24.20 0.66 -6.22
C SER B 189 -25.63 0.78 -6.81
N HIS B 190 -26.02 2.00 -7.19
CA HIS B 190 -27.36 2.20 -7.77
C HIS B 190 -27.54 1.46 -9.09
N ALA B 191 -26.45 1.12 -9.78
CA ALA B 191 -26.57 0.38 -11.04
C ALA B 191 -27.12 -1.03 -10.78
N PHE B 192 -26.70 -1.61 -9.68
CA PHE B 192 -27.11 -2.97 -9.31
C PHE B 192 -28.47 -3.02 -8.66
N ASN B 193 -28.79 -1.98 -7.91
CA ASN B 193 -30.09 -1.89 -7.27
C ASN B 193 -30.40 -0.44 -6.97
N GLY B 194 -31.38 0.10 -7.68
CA GLY B 194 -31.74 1.48 -7.48
C GLY B 194 -32.24 2.15 -8.75
N VAL B 195 -31.43 2.15 -9.80
CA VAL B 195 -31.87 2.81 -11.03
C VAL B 195 -32.96 2.02 -11.73
N LYS B 196 -33.81 2.74 -12.44
CA LYS B 196 -34.86 2.11 -13.22
C LYS B 196 -34.18 1.72 -14.52
N LEU B 197 -34.47 0.51 -15.00
CA LEU B 197 -33.87 0.04 -16.25
C LEU B 197 -34.92 0.14 -17.36
N GLY B 198 -34.52 0.71 -18.49
CA GLY B 198 -35.44 0.85 -19.61
C GLY B 198 -35.11 -0.05 -20.79
N GLY B 199 -36.14 -0.44 -21.53
CA GLY B 199 -35.92 -1.29 -22.69
C GLY B 199 -35.18 -2.61 -22.48
N ASP B 200 -34.31 -2.91 -23.42
CA ASP B 200 -33.52 -4.13 -23.39
C ASP B 200 -32.67 -4.25 -22.14
N ALA B 201 -32.37 -3.12 -21.52
CA ALA B 201 -31.58 -3.16 -20.29
C ALA B 201 -32.36 -3.76 -19.11
N ARG B 202 -33.68 -3.87 -19.22
CA ARG B 202 -34.45 -4.42 -18.10
C ARG B 202 -34.08 -5.88 -17.84
N GLN B 203 -33.47 -6.53 -18.81
CA GLN B 203 -33.10 -7.94 -18.69
C GLN B 203 -31.71 -8.16 -18.06
N THR B 204 -31.03 -7.08 -17.73
CA THR B 204 -29.69 -7.21 -17.18
C THR B 204 -29.57 -7.99 -15.87
N GLN B 205 -28.61 -8.92 -15.86
CA GLN B 205 -28.32 -9.74 -14.69
C GLN B 205 -26.91 -9.35 -14.24
N PHE B 206 -26.80 -8.60 -13.15
CA PHE B 206 -25.51 -8.15 -12.66
C PHE B 206 -24.90 -9.12 -11.65
N SER B 207 -23.74 -9.68 -11.96
CA SER B 207 -23.07 -10.59 -11.03
C SER B 207 -22.31 -9.79 -9.96
N ARG B 208 -22.10 -8.52 -10.25
CA ARG B 208 -21.33 -7.58 -9.40
C ARG B 208 -19.86 -8.00 -9.26
N THR B 209 -19.37 -8.79 -10.21
CA THR B 209 -17.99 -9.22 -10.16
C THR B 209 -17.53 -9.68 -11.55
N PHE B 210 -16.32 -10.24 -11.61
CA PHE B 210 -15.75 -10.78 -12.84
C PHE B 210 -15.47 -12.25 -12.57
N ASP B 211 -16.45 -13.10 -12.86
CA ASP B 211 -16.24 -14.53 -12.68
C ASP B 211 -16.83 -15.30 -13.84
N SER B 212 -16.51 -16.58 -13.93
CA SER B 212 -16.96 -17.39 -15.06
C SER B 212 -18.40 -17.89 -14.98
N ARG B 213 -19.07 -17.63 -13.87
CA ARG B 213 -20.41 -18.13 -13.61
C ARG B 213 -21.52 -17.60 -14.49
N SER B 214 -21.39 -16.36 -14.91
CA SER B 214 -22.39 -15.77 -15.78
C SER B 214 -21.77 -14.94 -16.90
N SER B 215 -22.64 -14.59 -17.83
CA SER B 215 -22.35 -13.84 -19.03
C SER B 215 -21.77 -12.40 -18.96
N LEU B 216 -20.52 -12.17 -19.40
CA LEU B 216 -19.95 -10.80 -19.38
C LEU B 216 -20.14 -10.07 -20.72
N GLU B 217 -20.75 -10.75 -21.70
CA GLU B 217 -21.01 -10.11 -22.99
C GLU B 217 -22.39 -9.44 -22.84
N TRP B 218 -22.44 -8.12 -23.03
CA TRP B 218 -23.68 -7.38 -22.85
C TRP B 218 -23.59 -6.01 -23.52
N GLY B 219 -24.71 -5.29 -23.59
CA GLY B 219 -24.68 -3.99 -24.21
C GLY B 219 -24.01 -2.94 -23.33
N VAL B 220 -23.79 -1.77 -23.92
CA VAL B 220 -23.18 -0.62 -23.25
C VAL B 220 -24.35 0.08 -22.55
N MET B 221 -24.24 0.24 -21.23
CA MET B 221 -25.30 0.85 -20.45
C MET B 221 -24.99 2.28 -20.03
N VAL B 222 -25.94 3.18 -20.29
CA VAL B 222 -25.80 4.61 -20.01
C VAL B 222 -27.17 5.16 -19.60
N TYR B 223 -27.20 6.39 -19.13
CA TYR B 223 -28.49 6.98 -18.77
C TYR B 223 -29.24 7.43 -20.03
N ASP B 224 -30.56 7.31 -19.98
CA ASP B 224 -31.43 7.77 -21.07
C ASP B 224 -31.93 9.15 -20.63
N TYR B 225 -31.27 10.19 -21.13
CA TYR B 225 -31.61 11.56 -20.79
C TYR B 225 -32.57 12.15 -21.84
N SER B 226 -33.25 11.29 -22.60
CA SER B 226 -34.19 11.74 -23.62
C SER B 226 -35.20 12.72 -23.06
N GLU B 227 -35.81 12.35 -21.94
CA GLU B 227 -36.82 13.20 -21.32
C GLU B 227 -36.24 14.53 -20.84
N LEU B 228 -35.00 14.52 -20.34
CA LEU B 228 -34.41 15.77 -19.88
C LEU B 228 -34.20 16.72 -21.06
N GLU B 229 -33.73 16.18 -22.18
CA GLU B 229 -33.48 16.99 -23.37
C GLU B 229 -34.70 17.75 -23.85
N HIS B 230 -35.87 17.12 -23.72
CA HIS B 230 -37.11 17.73 -24.22
C HIS B 230 -38.12 18.25 -23.19
N ASP B 231 -37.68 18.33 -21.94
CA ASP B 231 -38.53 18.81 -20.85
C ASP B 231 -38.47 20.34 -20.95
N PRO B 232 -39.59 21.00 -21.27
CA PRO B 232 -39.52 22.46 -21.36
C PRO B 232 -39.26 23.18 -20.02
N SER B 233 -39.38 22.47 -18.91
CA SER B 233 -39.15 23.07 -17.58
C SER B 233 -37.73 22.82 -17.05
N LYS B 234 -36.92 22.08 -17.82
CA LYS B 234 -35.56 21.77 -17.38
C LYS B 234 -34.57 22.13 -18.45
N GLY B 235 -34.47 23.42 -18.72
CA GLY B 235 -33.55 23.88 -19.74
C GLY B 235 -32.12 24.00 -19.30
N ARG B 236 -31.36 24.80 -20.05
CA ARG B 236 -29.94 24.99 -19.79
C ARG B 236 -29.58 25.50 -18.40
N ALA B 237 -30.28 26.52 -17.90
CA ALA B 237 -29.98 27.05 -16.57
C ALA B 237 -30.21 25.97 -15.48
N TYR B 238 -31.26 25.19 -15.65
CA TYR B 238 -31.59 24.13 -14.71
C TYR B 238 -30.48 23.09 -14.74
N ARG B 239 -30.04 22.74 -15.93
CA ARG B 239 -28.99 21.74 -16.07
C ARG B 239 -27.68 22.19 -15.48
N LYS B 240 -27.35 23.47 -15.64
CA LYS B 240 -26.13 24.02 -15.06
C LYS B 240 -26.21 24.05 -13.54
N GLU B 241 -27.40 24.37 -13.02
CA GLU B 241 -27.57 24.44 -11.58
C GLU B 241 -27.51 23.10 -10.85
N LEU B 242 -28.05 22.06 -11.47
CA LEU B 242 -28.15 20.78 -10.79
C LEU B 242 -27.55 19.53 -11.42
N VAL B 243 -27.63 19.44 -12.74
CA VAL B 243 -27.20 18.23 -13.42
C VAL B 243 -25.75 18.06 -13.77
N THR B 244 -25.06 19.14 -14.12
CA THR B 244 -23.65 19.01 -14.49
C THR B 244 -22.94 18.38 -13.27
N PRO B 245 -21.99 17.46 -13.49
CA PRO B 245 -21.28 16.78 -12.40
C PRO B 245 -20.80 17.58 -11.20
N ALA B 246 -20.25 18.76 -11.42
CA ALA B 246 -19.72 19.54 -10.32
C ALA B 246 -20.69 19.80 -9.17
N ARG B 247 -21.98 19.85 -9.45
CA ARG B 247 -22.95 20.11 -8.39
C ARG B 247 -22.97 18.99 -7.37
N ASP B 248 -22.90 17.74 -7.83
CA ASP B 248 -22.91 16.60 -6.91
C ASP B 248 -21.51 16.15 -6.48
N PHE B 249 -20.55 16.21 -7.40
CA PHE B 249 -19.20 15.71 -7.14
C PHE B 249 -18.17 16.75 -6.75
N GLY B 250 -18.55 18.02 -6.84
CA GLY B 250 -17.63 19.11 -6.58
C GLY B 250 -16.90 19.39 -7.88
N HIS B 251 -16.35 20.58 -8.05
CA HIS B 251 -15.60 20.87 -9.28
C HIS B 251 -14.45 19.87 -9.39
N PHE B 252 -14.31 19.29 -10.58
CA PHE B 252 -13.30 18.25 -10.82
C PHE B 252 -11.88 18.58 -10.37
N GLY B 253 -11.40 19.78 -10.68
CA GLY B 253 -10.04 20.12 -10.28
C GLY B 253 -9.88 20.47 -8.82
N LEU B 254 -10.99 20.48 -8.09
CA LEU B 254 -10.96 20.83 -6.68
C LEU B 254 -11.81 19.85 -5.89
N SER B 255 -11.65 18.57 -6.18
CA SER B 255 -12.43 17.57 -5.47
C SER B 255 -11.70 16.24 -5.31
N HIS B 256 -11.86 15.64 -4.13
CA HIS B 256 -11.26 14.33 -3.85
C HIS B 256 -12.28 13.24 -4.19
N TYR B 257 -13.54 13.61 -4.41
CA TYR B 257 -14.54 12.58 -4.65
C TYR B 257 -14.33 11.79 -5.92
N SER B 258 -14.67 10.51 -5.86
CA SER B 258 -14.56 9.63 -7.02
C SER B 258 -15.75 9.88 -7.94
N ARG B 259 -15.56 9.65 -9.24
CA ARG B 259 -16.68 9.74 -10.18
C ARG B 259 -16.73 8.35 -10.79
N ALA B 260 -17.91 7.73 -10.78
CA ALA B 260 -18.05 6.40 -11.37
C ALA B 260 -18.72 6.52 -12.73
N THR B 261 -18.63 5.47 -13.54
CA THR B 261 -19.32 5.48 -14.83
C THR B 261 -20.51 4.56 -14.66
N THR B 262 -21.39 4.57 -15.67
CA THR B 262 -22.49 3.63 -15.70
C THR B 262 -21.82 2.30 -16.17
N PRO B 263 -22.58 1.18 -16.30
CA PRO B 263 -21.95 -0.08 -16.74
C PRO B 263 -21.66 -0.10 -18.26
N ILE B 264 -20.57 0.55 -18.64
CA ILE B 264 -20.16 0.66 -20.04
C ILE B 264 -19.72 -0.67 -20.63
N LEU B 265 -18.94 -1.44 -19.87
CA LEU B 265 -18.44 -2.75 -20.30
C LEU B 265 -18.52 -3.78 -19.18
N GLY B 266 -18.89 -5.00 -19.53
CA GLY B 266 -18.92 -6.08 -18.54
C GLY B 266 -19.94 -5.92 -17.43
N LYS B 267 -20.93 -5.06 -17.66
CA LYS B 267 -21.98 -4.81 -16.66
C LYS B 267 -21.32 -4.36 -15.36
N MET B 268 -20.18 -3.70 -15.51
CA MET B 268 -19.40 -3.27 -14.36
C MET B 268 -18.97 -1.82 -14.38
N PRO B 269 -19.57 -0.99 -13.53
CA PRO B 269 -19.20 0.43 -13.45
C PRO B 269 -17.70 0.56 -13.13
N ALA B 270 -17.08 1.59 -13.71
CA ALA B 270 -15.68 1.86 -13.43
C ALA B 270 -15.70 2.99 -12.37
N VAL B 271 -14.71 3.02 -11.49
CA VAL B 271 -14.64 4.06 -10.48
C VAL B 271 -13.31 4.75 -10.69
N PHE B 272 -13.34 6.07 -10.86
CA PHE B 272 -12.11 6.85 -11.05
C PHE B 272 -11.87 7.68 -9.82
N SER B 273 -10.64 7.64 -9.29
CA SER B 273 -10.34 8.45 -8.12
C SER B 273 -10.37 9.94 -8.53
N GLY B 274 -10.64 10.81 -7.57
CA GLY B 274 -10.69 12.24 -7.86
C GLY B 274 -9.35 12.89 -8.17
N MET B 275 -9.38 14.00 -8.90
CA MET B 275 -8.11 14.65 -9.26
C MET B 275 -7.28 15.09 -8.07
N LEU B 276 -7.92 15.50 -6.98
CA LEU B 276 -7.15 15.94 -5.82
C LEU B 276 -6.41 14.83 -5.11
N THR B 277 -6.77 13.57 -5.37
CA THR B 277 -6.05 12.47 -4.74
C THR B 277 -4.66 12.37 -5.38
N GLY B 278 -4.45 13.05 -6.50
CA GLY B 278 -3.15 13.04 -7.16
C GLY B 278 -3.03 12.25 -8.44
N ASN B 279 -4.01 11.39 -8.68
CA ASN B 279 -4.04 10.57 -9.90
C ASN B 279 -5.49 10.18 -10.10
N CYS B 280 -5.88 9.92 -11.33
CA CYS B 280 -7.24 9.43 -11.57
C CYS B 280 -7.01 7.98 -11.97
N LYS B 281 -7.00 7.10 -10.96
CA LYS B 281 -6.83 5.67 -11.13
C LYS B 281 -8.22 5.07 -11.32
N MET B 282 -8.30 4.00 -12.12
CA MET B 282 -9.59 3.39 -12.44
C MET B 282 -9.70 1.97 -11.91
N TYR B 283 -10.80 1.70 -11.21
CA TYR B 283 -11.02 0.39 -10.59
C TYR B 283 -12.43 -0.12 -10.85
N PRO B 284 -12.61 -1.44 -10.93
CA PRO B 284 -13.96 -1.96 -11.15
C PRO B 284 -14.71 -1.90 -9.81
N PHE B 285 -16.00 -1.59 -9.86
CA PHE B 285 -16.81 -1.50 -8.64
C PHE B 285 -17.21 -2.88 -8.12
N ILE B 286 -16.25 -3.56 -7.48
CA ILE B 286 -16.44 -4.91 -6.96
C ILE B 286 -16.12 -4.91 -5.48
N LYS B 287 -17.01 -5.50 -4.70
CA LYS B 287 -16.86 -5.58 -3.24
C LYS B 287 -15.64 -6.40 -2.82
N GLY B 288 -14.98 -5.99 -1.75
CA GLY B 288 -13.81 -6.73 -1.29
C GLY B 288 -14.15 -8.19 -1.00
N THR B 289 -15.31 -8.44 -0.41
CA THR B 289 -15.69 -9.81 -0.14
C THR B 289 -15.86 -10.64 -1.41
N ALA B 290 -16.27 -10.01 -2.51
CA ALA B 290 -16.43 -10.75 -3.76
C ALA B 290 -15.06 -11.08 -4.33
N LYS B 291 -14.09 -10.19 -4.11
CA LYS B 291 -12.74 -10.44 -4.61
C LYS B 291 -12.08 -11.60 -3.85
N LEU B 292 -12.31 -11.66 -2.54
CA LEU B 292 -11.70 -12.71 -1.73
C LEU B 292 -12.17 -14.09 -2.16
N LYS B 293 -13.41 -14.18 -2.66
CA LYS B 293 -13.92 -15.46 -3.09
C LYS B 293 -13.12 -16.12 -4.20
N THR B 294 -12.31 -15.34 -4.94
CA THR B 294 -11.50 -15.90 -6.01
C THR B 294 -10.49 -16.93 -5.50
N VAL B 295 -10.17 -16.90 -4.20
CA VAL B 295 -9.21 -17.88 -3.69
C VAL B 295 -9.85 -18.93 -2.79
N ARG B 296 -11.17 -18.97 -2.76
CA ARG B 296 -11.87 -19.96 -1.94
C ARG B 296 -11.46 -21.40 -2.29
N LYS B 297 -11.41 -21.74 -3.58
CA LYS B 297 -11.00 -23.08 -3.97
C LYS B 297 -9.52 -23.32 -3.67
N LEU B 298 -8.71 -22.27 -3.78
CA LEU B 298 -7.28 -22.41 -3.50
C LEU B 298 -7.07 -22.72 -2.02
N VAL B 299 -7.84 -22.10 -1.14
CA VAL B 299 -7.67 -22.40 0.29
C VAL B 299 -7.99 -23.88 0.55
N GLU B 300 -9.06 -24.38 -0.09
CA GLU B 300 -9.42 -25.78 0.09
C GLU B 300 -8.30 -26.69 -0.40
N ALA B 301 -7.72 -26.36 -1.56
CA ALA B 301 -6.62 -27.14 -2.12
C ALA B 301 -5.37 -27.13 -1.21
N VAL B 302 -5.05 -25.96 -0.66
CA VAL B 302 -3.90 -25.87 0.25
C VAL B 302 -4.17 -26.74 1.47
N ASN B 303 -5.37 -26.67 2.02
CA ASN B 303 -5.71 -27.46 3.21
C ASN B 303 -5.57 -28.96 2.95
N HIS B 304 -5.78 -29.38 1.71
CA HIS B 304 -5.64 -30.80 1.40
C HIS B 304 -4.22 -31.24 1.03
N ALA B 305 -3.40 -30.30 0.56
CA ALA B 305 -2.05 -30.65 0.11
C ALA B 305 -0.93 -30.39 1.10
N TRP B 306 -1.13 -29.43 1.99
CA TRP B 306 -0.09 -29.07 2.95
C TRP B 306 -0.41 -29.45 4.38
N GLY B 307 0.63 -29.81 5.14
CA GLY B 307 0.40 -30.18 6.54
C GLY B 307 -0.04 -28.99 7.37
N VAL B 308 -0.84 -29.24 8.40
CA VAL B 308 -1.32 -28.18 9.25
C VAL B 308 -0.23 -27.30 9.84
N GLU B 309 0.89 -27.92 10.23
CA GLU B 309 1.98 -27.15 10.82
C GLU B 309 2.62 -26.20 9.80
N LYS B 310 2.79 -26.67 8.57
CA LYS B 310 3.40 -25.82 7.54
C LYS B 310 2.46 -24.68 7.18
N ILE B 311 1.17 -24.95 7.22
CA ILE B 311 0.20 -23.91 6.90
C ILE B 311 0.28 -22.83 7.97
N ARG B 312 0.34 -23.24 9.23
CA ARG B 312 0.42 -22.26 10.32
C ARG B 312 1.68 -21.44 10.29
N TYR B 313 2.78 -22.09 9.93
CA TYR B 313 4.08 -21.44 9.85
C TYR B 313 4.04 -20.23 8.90
N ALA B 314 3.29 -20.37 7.80
CA ALA B 314 3.22 -19.30 6.81
C ALA B 314 2.04 -18.36 6.97
N LEU B 315 0.89 -18.92 7.28
CA LEU B 315 -0.32 -18.11 7.33
C LEU B 315 -0.74 -17.59 8.68
N GLY B 316 -0.16 -18.16 9.72
CA GLY B 316 -0.47 -17.72 11.06
C GLY B 316 -1.57 -18.52 11.73
N PRO B 317 -2.16 -17.94 12.79
CA PRO B 317 -3.24 -18.51 13.60
C PRO B 317 -4.45 -18.99 12.81
N GLY B 318 -4.79 -20.25 12.98
CA GLY B 318 -5.95 -20.75 12.29
C GLY B 318 -5.62 -21.10 10.85
N GLY B 319 -4.35 -20.99 10.48
CA GLY B 319 -3.96 -21.36 9.13
C GLY B 319 -4.57 -20.51 8.03
N MET B 320 -4.70 -21.11 6.85
CA MET B 320 -5.24 -20.35 5.71
C MET B 320 -6.73 -20.15 5.85
N THR B 321 -7.40 -21.09 6.51
CA THR B 321 -8.83 -20.91 6.73
C THR B 321 -9.01 -19.69 7.65
N GLY B 322 -8.16 -19.57 8.68
CA GLY B 322 -8.24 -18.45 9.59
C GLY B 322 -7.91 -17.15 8.84
N TRP B 323 -6.88 -17.18 8.02
CA TRP B 323 -6.52 -15.98 7.26
C TRP B 323 -7.71 -15.55 6.39
N TYR B 324 -8.34 -16.51 5.74
CA TYR B 324 -9.47 -16.24 4.86
C TYR B 324 -10.61 -15.60 5.64
N ASN B 325 -10.99 -16.19 6.77
CA ASN B 325 -12.09 -15.63 7.57
C ASN B 325 -11.76 -14.24 8.14
N ARG B 326 -10.51 -14.01 8.57
CA ARG B 326 -10.10 -12.69 9.08
C ARG B 326 -10.15 -11.67 7.93
N THR B 327 -9.68 -12.09 6.77
CA THR B 327 -9.65 -11.20 5.59
C THR B 327 -11.06 -10.86 5.12
N MET B 328 -11.98 -11.82 5.22
CA MET B 328 -13.38 -11.55 4.85
C MET B 328 -13.88 -10.37 5.71
N GLN B 329 -13.53 -10.37 6.99
CA GLN B 329 -13.94 -9.28 7.89
C GLN B 329 -13.22 -7.97 7.59
N GLN B 330 -11.94 -8.06 7.23
CA GLN B 330 -11.13 -6.87 6.96
C GLN B 330 -11.26 -6.36 5.53
N ALA B 331 -11.98 -7.11 4.70
CA ALA B 331 -12.08 -6.77 3.28
C ALA B 331 -12.45 -5.32 2.94
N PRO B 332 -13.38 -4.70 3.70
CA PRO B 332 -13.76 -3.31 3.43
C PRO B 332 -12.56 -2.40 3.46
N ILE B 333 -11.50 -2.83 4.13
CA ILE B 333 -10.29 -2.03 4.18
C ILE B 333 -9.18 -2.64 3.31
N VAL B 334 -8.81 -3.88 3.58
CA VAL B 334 -7.65 -4.45 2.88
C VAL B 334 -7.81 -4.91 1.45
N LEU B 335 -9.05 -5.10 0.98
CA LEU B 335 -9.30 -5.52 -0.40
C LEU B 335 -10.16 -4.48 -1.13
N THR B 336 -10.14 -3.26 -0.63
CA THR B 336 -10.96 -2.20 -1.22
C THR B 336 -10.18 -0.91 -1.42
N PRO B 337 -9.97 -0.50 -2.69
CA PRO B 337 -9.25 0.74 -2.99
C PRO B 337 -9.98 1.90 -2.32
N ALA B 338 -9.24 2.89 -1.84
CA ALA B 338 -9.83 4.05 -1.19
C ALA B 338 -10.90 4.69 -2.08
N ALA B 339 -10.64 4.70 -3.39
CA ALA B 339 -11.57 5.33 -4.32
C ALA B 339 -12.99 4.80 -4.21
N LEU B 340 -13.13 3.53 -3.86
CA LEU B 340 -14.46 2.92 -3.77
C LEU B 340 -15.26 3.36 -2.56
N THR B 341 -14.64 4.13 -1.67
CA THR B 341 -15.34 4.60 -0.48
C THR B 341 -15.35 6.13 -0.43
N MET B 342 -15.11 6.77 -1.59
CA MET B 342 -15.06 8.22 -1.61
C MET B 342 -16.04 8.85 -2.57
N PHE B 343 -17.25 8.30 -2.63
CA PHE B 343 -18.26 8.90 -3.48
C PHE B 343 -18.90 10.05 -2.70
N PRO B 344 -19.49 11.01 -3.42
CA PRO B 344 -20.11 12.15 -2.74
C PRO B 344 -21.23 11.72 -1.81
N ASP B 345 -21.35 12.41 -0.68
CA ASP B 345 -22.38 12.09 0.28
C ASP B 345 -23.50 13.13 0.25
N THR B 346 -23.21 14.33 -0.22
CA THR B 346 -24.25 15.36 -0.29
C THR B 346 -24.68 15.45 -1.75
N ILE B 347 -25.82 14.85 -2.05
CA ILE B 347 -26.33 14.81 -3.40
C ILE B 347 -27.50 15.74 -3.63
N LYS B 348 -27.48 16.42 -4.76
CA LYS B 348 -28.58 17.31 -5.13
C LYS B 348 -29.36 16.71 -6.30
N PHE B 349 -28.65 16.13 -7.27
CA PHE B 349 -29.29 15.52 -8.44
C PHE B 349 -29.35 14.01 -8.26
N GLY B 350 -28.18 13.38 -8.23
CA GLY B 350 -28.15 11.95 -8.01
C GLY B 350 -28.33 11.05 -9.22
N ASP B 351 -28.53 9.76 -8.94
CA ASP B 351 -28.66 8.73 -9.98
C ASP B 351 -30.03 8.19 -10.30
N LEU B 352 -31.06 8.64 -9.59
CA LEU B 352 -32.38 8.03 -9.74
C LEU B 352 -33.44 8.84 -10.45
N ASN B 353 -33.03 9.86 -11.19
CA ASN B 353 -33.97 10.73 -11.90
C ASN B 353 -34.35 10.31 -13.30
N TYR B 354 -33.54 9.45 -13.91
CA TYR B 354 -33.79 8.98 -15.27
C TYR B 354 -33.36 7.54 -15.32
N PRO B 355 -33.91 6.76 -16.26
CA PRO B 355 -33.53 5.35 -16.35
C PRO B 355 -32.24 5.11 -17.11
N VAL B 356 -31.70 3.91 -16.91
CA VAL B 356 -30.49 3.46 -17.57
C VAL B 356 -30.93 2.52 -18.68
N MET B 357 -30.34 2.67 -19.85
CA MET B 357 -30.66 1.86 -21.04
C MET B 357 -29.40 1.32 -21.67
N ILE B 358 -29.58 0.51 -22.70
CA ILE B 358 -28.44 0.07 -23.48
C ILE B 358 -28.48 1.11 -24.59
N GLY B 359 -27.43 1.92 -24.68
CA GLY B 359 -27.42 2.96 -25.70
C GLY B 359 -26.16 3.81 -25.80
N ASP B 360 -26.25 4.87 -26.60
CA ASP B 360 -25.12 5.74 -26.85
C ASP B 360 -24.63 6.67 -25.76
N PRO B 361 -23.33 6.61 -25.45
CA PRO B 361 -22.78 7.50 -24.43
C PRO B 361 -22.85 8.89 -25.09
N MET B 362 -23.13 9.93 -24.32
CA MET B 362 -23.18 11.25 -24.91
C MET B 362 -22.88 12.36 -23.93
N ILE B 363 -22.56 13.54 -24.46
CA ILE B 363 -22.34 14.67 -23.61
C ILE B 363 -23.21 15.77 -24.20
N LEU B 364 -24.02 16.39 -23.35
CA LEU B 364 -24.91 17.49 -23.79
C LEU B 364 -24.76 18.69 -22.87
N GLY B 365 -25.43 19.78 -23.23
CA GLY B 365 -25.41 20.97 -22.41
C GLY B 365 -26.84 21.22 -21.96
#